data_2JIW
#
_entry.id   2JIW
#
_cell.length_a   51.398
_cell.length_b   94.131
_cell.length_c   99.808
_cell.angle_alpha   104.97
_cell.angle_beta   94.09
_cell.angle_gamma   102.48
#
_symmetry.space_group_name_H-M   'P 1'
#
loop_
_entity.id
_entity.type
_entity.pdbx_description
1 polymer 'O-GLCNACASE BT_4395'
2 non-polymer N-[(1S,2R,5R,6R)-2-AMINO-5,6-DIHYDROXY-4-(HYDROXYMETHYL)CYCLOHEX-3-EN-1-YL]ACETAMIDE
3 water water
#
_entity_poly.entity_id   1
_entity_poly.type   'polypeptide(L)'
_entity_poly.pdbx_seq_one_letter_code
;MNVSLQPPPQQLIVQNKTIDLPAVYQLNGGEEANPHAVKVLKELLSGKQSSKKGMLISIGEKGDKSVRKYSRQIPDHKEG
YYLSVNEKEIVLAGNDERGTYYALQTFAQLLKDGKLPEVEIKDYPSVRYRGVVEGFYGTPWSHQARLSQLKFYGKNKMNT
YIYGPKDDPYHSAPNWRLPYPDKEAAQLQELVAVANENEVDFVWAIHPGQDIKWNKEDRDLLLAKFEKMYQLGVRSFAVF
FDDISGEGTNPQKQAELLNYIDEKFAQVKPDINQLVMCPTEYNKSWSNPNGNYLTTLGDKLNPSIQIMWTGDRVISDITR
DGISWINERIKRPAYIWWNFPVSDYVRDHLLLGPVYGNDTTIAKEMSGFVTNPMEHAESSKIAIYSVASYAWNPAKYDTW
QTWKDAIRTILPSAAEELECFAMHNSDLGPNGHGYRREESMDIQPAAERFLKAFKEGKNYDKADFETLQYTFERMKESAD
ILLMNTENKPLIVEITPWVHQFKLTAEMGEEVLKMVEGRNESYFLRKYNHVKALQQQMFYIDQTSNQNPYQPGVKTATRV
IKPLIDRTFATVVKFFNQKFNAHLDATTDYMPHKMISNVEQIKNLPLQVKANRVLISPANEVVKWAAGNSVEIELDAIYP
GENIQINFGKDAPCTWGRLEISTDGKEWKTVDLKQKESRLSAGLQKAPVKFVRFTNVSDEEQQVYLRQFVLTIEKK
;
_entity_poly.pdbx_strand_id   A,B
#
loop_
_chem_comp.id
_chem_comp.type
_chem_comp.name
_chem_comp.formula
BEU non-polymer N-[(1S,2R,5R,6R)-2-AMINO-5,6-DIHYDROXY-4-(HYDROXYMETHYL)CYCLOHEX-3-EN-1-YL]ACETAMIDE 'C9 H16 N2 O4'
#
# COMPACT_ATOMS: atom_id res chain seq x y z
N SER A 4 22.06 9.55 35.68
CA SER A 4 21.88 9.45 34.22
C SER A 4 22.49 10.76 33.64
N LEU A 5 22.84 10.70 32.36
CA LEU A 5 23.07 11.91 31.55
C LEU A 5 22.05 11.85 30.44
N GLN A 6 21.36 12.98 30.23
CA GLN A 6 20.31 13.10 29.22
C GLN A 6 20.44 14.37 28.37
N PRO A 7 20.60 14.21 27.03
CA PRO A 7 20.80 12.95 26.34
C PRO A 7 22.12 12.25 26.75
N PRO A 8 22.19 10.91 26.60
CA PRO A 8 23.43 10.18 26.90
C PRO A 8 24.51 10.51 25.85
N PRO A 9 25.75 10.80 26.28
CA PRO A 9 26.77 11.17 25.30
C PRO A 9 27.21 10.03 24.38
N GLN A 10 27.80 10.39 23.24
CA GLN A 10 28.28 9.43 22.26
C GLN A 10 29.34 8.51 22.90
N GLN A 11 30.30 9.11 23.59
CA GLN A 11 31.34 8.35 24.31
C GLN A 11 31.53 8.85 25.72
N LEU A 12 31.52 7.91 26.64
CA LEU A 12 31.75 8.19 28.04
C LEU A 12 32.71 7.15 28.62
N ILE A 13 33.80 7.62 29.24
CA ILE A 13 34.65 6.78 30.09
C ILE A 13 34.58 7.30 31.51
N VAL A 14 34.06 6.47 32.43
CA VAL A 14 33.96 6.82 33.85
C VAL A 14 35.12 6.20 34.62
N GLN A 15 35.84 7.04 35.38
CA GLN A 15 36.79 6.55 36.39
C GLN A 15 36.01 6.57 37.70
N ASN A 16 36.24 5.57 38.55
CA ASN A 16 35.41 5.41 39.74
C ASN A 16 35.84 6.27 40.95
N LYS A 17 36.68 7.27 40.68
CA LYS A 17 36.96 8.34 41.63
C LYS A 17 35.90 9.46 41.46
N THR A 18 35.75 10.28 42.49
CA THR A 18 35.03 11.55 42.37
C THR A 18 35.91 12.66 42.95
N ILE A 19 35.76 13.87 42.44
CA ILE A 19 36.48 15.02 43.01
C ILE A 19 35.52 16.09 43.50
N ASP A 20 36.06 17.07 44.19
CA ASP A 20 35.32 18.23 44.66
C ASP A 20 35.43 19.33 43.63
N LEU A 21 34.28 19.93 43.32
CA LEU A 21 34.25 21.17 42.56
C LEU A 21 35.10 22.21 43.31
N PRO A 22 36.11 22.81 42.64
CA PRO A 22 36.97 23.83 43.25
C PRO A 22 36.15 25.09 43.58
N ALA A 23 36.06 25.54 44.85
CA ALA A 23 37.09 25.51 45.90
C ALA A 23 37.88 26.78 45.58
N VAL A 24 39.08 26.64 45.03
CA VAL A 24 39.72 27.75 44.34
C VAL A 24 40.09 27.29 42.94
N TYR A 25 39.87 28.16 41.97
CA TYR A 25 39.99 27.77 40.57
C TYR A 25 40.62 28.85 39.71
N GLN A 26 41.36 28.47 38.67
CA GLN A 26 41.73 29.42 37.63
C GLN A 26 40.80 29.14 36.45
N LEU A 27 40.09 30.18 35.99
CA LEU A 27 39.32 30.07 34.75
C LEU A 27 40.17 30.50 33.56
N ASN A 28 40.38 29.56 32.64
CA ASN A 28 41.15 29.74 31.42
C ASN A 28 40.17 29.83 30.25
N GLY A 29 40.10 31.00 29.59
CA GLY A 29 39.32 31.20 28.37
C GLY A 29 37.91 31.80 28.48
N GLY A 30 37.55 32.25 29.68
CA GLY A 30 36.24 32.85 29.92
C GLY A 30 35.92 34.10 29.11
N GLU A 31 36.96 34.79 28.65
CA GLU A 31 36.79 35.99 27.84
C GLU A 31 36.59 35.69 26.37
N GLU A 32 37.10 34.53 25.90
CA GLU A 32 37.04 34.10 24.49
C GLU A 32 35.96 33.03 24.19
N ALA A 33 35.47 32.34 25.21
CA ALA A 33 34.48 31.27 25.01
C ALA A 33 33.05 31.81 24.82
N ASN A 34 32.17 30.96 24.29
CA ASN A 34 30.75 31.25 24.18
C ASN A 34 30.25 31.87 25.50
N PRO A 35 29.78 33.14 25.45
CA PRO A 35 29.23 33.82 26.65
C PRO A 35 28.08 33.05 27.31
N HIS A 36 27.27 32.37 26.50
CA HIS A 36 26.19 31.54 27.03
C HIS A 36 26.74 30.41 27.89
N ALA A 37 27.82 29.78 27.43
CA ALA A 37 28.48 28.72 28.19
C ALA A 37 29.17 29.28 29.44
N VAL A 38 29.87 30.40 29.30
CA VAL A 38 30.58 31.02 30.43
C VAL A 38 29.59 31.41 31.55
N LYS A 39 28.44 31.96 31.17
CA LYS A 39 27.37 32.29 32.12
C LYS A 39 26.90 31.10 32.97
N VAL A 40 26.65 29.95 32.32
CA VAL A 40 26.31 28.69 32.99
C VAL A 40 27.44 28.29 33.95
N LEU A 41 28.68 28.27 33.45
CA LEU A 41 29.86 27.94 34.25
C LEU A 41 30.00 28.81 35.49
N LYS A 42 29.88 30.11 35.32
CA LYS A 42 29.98 31.02 36.45
C LYS A 42 28.84 30.85 37.48
N GLU A 43 27.63 30.50 37.03
CA GLU A 43 26.53 30.19 37.96
C GLU A 43 26.82 28.94 38.82
N LEU A 44 27.44 27.93 38.21
CA LEU A 44 27.86 26.73 38.93
C LEU A 44 29.01 27.00 39.91
N LEU A 45 29.90 27.92 39.56
CA LEU A 45 31.07 28.28 40.36
C LEU A 45 30.77 29.41 41.32
N SER A 46 29.48 29.70 41.50
CA SER A 46 29.02 30.87 42.26
C SER A 46 29.63 30.93 43.65
N GLY A 47 30.24 32.07 43.96
CA GLY A 47 30.91 32.33 45.25
C GLY A 47 32.02 31.36 45.60
N LYS A 48 32.96 31.13 44.68
CA LYS A 48 34.02 30.14 44.87
C LYS A 48 35.46 30.60 44.56
N GLN A 49 35.62 31.88 44.20
CA GLN A 49 36.95 32.52 44.04
C GLN A 49 37.81 32.03 42.87
N SER A 50 37.99 32.89 41.87
CA SER A 50 39.00 32.67 40.86
C SER A 50 40.30 33.32 41.34
N SER A 51 41.45 32.75 40.94
CA SER A 51 42.77 33.27 41.34
C SER A 51 43.82 33.16 40.21
N LYS A 52 44.91 32.44 40.47
CA LYS A 52 45.95 32.18 39.48
C LYS A 52 46.68 30.87 39.82
N LYS A 53 46.66 30.51 41.10
CA LYS A 53 46.94 29.13 41.54
C LYS A 53 45.62 28.44 41.91
N GLY A 54 45.66 27.15 42.22
CA GLY A 54 44.43 26.36 42.41
C GLY A 54 43.90 25.77 41.09
N MET A 55 42.95 24.83 41.21
CA MET A 55 42.48 23.99 40.08
C MET A 55 42.15 24.71 38.76
N LEU A 56 42.77 24.25 37.68
CA LEU A 56 42.55 24.81 36.35
C LEU A 56 41.23 24.35 35.73
N ILE A 57 40.44 25.31 35.25
CA ILE A 57 39.24 25.05 34.43
C ILE A 57 39.41 25.73 33.09
N SER A 58 39.50 24.92 32.03
CA SER A 58 39.69 25.45 30.68
C SER A 58 38.38 25.37 29.90
N ILE A 59 37.94 26.51 29.38
CA ILE A 59 36.72 26.56 28.57
C ILE A 59 37.03 27.30 27.28
N GLY A 60 36.52 26.79 26.15
CA GLY A 60 36.75 27.44 24.88
C GLY A 60 36.24 26.62 23.71
N GLU A 61 36.27 27.22 22.53
CA GLU A 61 35.93 26.53 21.27
C GLU A 61 37.22 26.14 20.58
N LYS A 62 37.20 25.04 19.80
CA LYS A 62 38.33 24.66 18.97
C LYS A 62 38.88 25.92 18.30
N GLY A 63 40.18 26.15 18.42
CA GLY A 63 40.79 27.35 17.83
C GLY A 63 41.16 28.40 18.85
N ASP A 64 40.46 28.40 20.00
CA ASP A 64 40.78 29.24 21.16
C ASP A 64 42.08 28.81 21.87
N LYS A 65 42.87 29.80 22.30
CA LYS A 65 44.10 29.54 23.07
C LYS A 65 43.90 28.59 24.26
N SER A 66 42.80 28.76 25.00
CA SER A 66 42.52 27.96 26.20
C SER A 66 42.43 26.44 25.99
N VAL A 67 42.07 26.00 24.80
CA VAL A 67 41.82 24.55 24.59
C VAL A 67 42.76 23.94 23.56
N ARG A 68 43.84 24.67 23.26
CA ARG A 68 44.91 24.22 22.38
C ARG A 68 45.45 22.83 22.69
N LYS A 69 45.53 22.52 23.98
CA LYS A 69 46.11 21.25 24.42
C LYS A 69 45.18 20.08 24.10
N TYR A 70 43.88 20.38 23.92
CA TYR A 70 42.84 19.35 23.77
C TYR A 70 42.21 19.23 22.37
N SER A 71 42.81 19.88 21.39
CA SER A 71 42.26 19.95 20.03
C SER A 71 42.00 18.58 19.36
N ARG A 72 42.82 17.57 19.69
CA ARG A 72 42.65 16.23 19.12
C ARG A 72 41.47 15.48 19.73
N GLN A 73 41.11 15.82 20.97
CA GLN A 73 39.98 15.16 21.60
C GLN A 73 38.60 15.77 21.26
N ILE A 74 38.60 17.02 20.78
CA ILE A 74 37.35 17.70 20.37
C ILE A 74 36.73 17.09 19.10
N PRO A 75 35.53 16.45 19.22
CA PRO A 75 34.97 15.77 18.05
C PRO A 75 34.79 16.71 16.88
N ASP A 76 35.10 16.24 15.67
CA ASP A 76 34.99 17.09 14.50
C ASP A 76 33.57 17.01 13.96
N HIS A 77 32.64 17.43 14.81
CA HIS A 77 31.23 17.47 14.46
C HIS A 77 30.64 18.81 14.89
N LYS A 78 29.70 19.30 14.09
CA LYS A 78 28.86 20.44 14.48
C LYS A 78 28.21 20.15 15.82
N GLU A 79 28.30 21.11 16.74
CA GLU A 79 27.71 21.03 18.08
C GLU A 79 28.40 19.99 18.98
N GLY A 80 29.54 19.49 18.52
CA GLY A 80 30.30 18.51 19.27
C GLY A 80 31.13 19.14 20.38
N TYR A 81 31.51 18.34 21.38
CA TYR A 81 32.35 18.85 22.45
C TYR A 81 33.20 17.76 23.10
N TYR A 82 34.28 18.19 23.74
CA TYR A 82 35.07 17.35 24.64
C TYR A 82 34.92 17.91 26.05
N LEU A 83 34.56 17.04 26.99
CA LEU A 83 34.52 17.35 28.41
C LEU A 83 35.46 16.40 29.14
N SER A 84 36.24 16.94 30.09
CA SER A 84 37.05 16.11 30.99
C SER A 84 37.04 16.69 32.40
N VAL A 85 36.94 15.78 33.37
CA VAL A 85 37.11 16.09 34.79
C VAL A 85 38.14 15.10 35.39
N ASN A 86 39.22 15.63 35.95
CA ASN A 86 40.11 14.81 36.79
C ASN A 86 40.62 15.57 38.00
N GLU A 87 41.57 14.97 38.71
CA GLU A 87 42.23 15.58 39.85
C GLU A 87 42.93 16.86 39.43
N LYS A 88 43.61 16.81 38.28
CA LYS A 88 44.44 17.91 37.83
C LYS A 88 43.64 19.09 37.31
N GLU A 89 42.62 18.82 36.48
CA GLU A 89 41.91 19.91 35.78
C GLU A 89 40.50 19.55 35.27
N ILE A 90 39.73 20.60 34.89
CA ILE A 90 38.46 20.44 34.19
C ILE A 90 38.55 21.06 32.80
N VAL A 91 38.09 20.33 31.78
CA VAL A 91 38.13 20.80 30.39
C VAL A 91 36.70 20.82 29.81
N LEU A 92 36.32 21.95 29.22
CA LEU A 92 34.99 22.18 28.63
C LEU A 92 35.19 22.84 27.27
N ALA A 93 35.26 22.02 26.22
CA ALA A 93 35.81 22.44 24.94
C ALA A 93 34.90 22.07 23.76
N GLY A 94 34.26 23.08 23.17
CA GLY A 94 33.36 22.82 22.08
C GLY A 94 34.08 22.84 20.76
N ASN A 95 33.58 22.06 19.80
CA ASN A 95 34.02 22.20 18.44
C ASN A 95 33.58 23.54 17.85
N ASP A 96 32.48 24.08 18.35
CA ASP A 96 31.94 25.38 17.95
C ASP A 96 31.27 25.99 19.18
N GLU A 97 30.79 27.23 19.06
CA GLU A 97 30.23 27.93 20.22
C GLU A 97 29.09 27.16 20.88
N ARG A 98 28.22 26.57 20.05
CA ARG A 98 27.11 25.80 20.58
C ARG A 98 27.57 24.50 21.24
N GLY A 99 28.61 23.87 20.68
CA GLY A 99 29.26 22.76 21.36
C GLY A 99 29.70 23.06 22.77
N THR A 100 30.25 24.24 23.00
CA THR A 100 30.72 24.62 24.33
C THR A 100 29.57 24.75 25.32
N TYR A 101 28.49 25.37 24.87
CA TYR A 101 27.25 25.42 25.65
C TYR A 101 26.75 24.02 26.00
N TYR A 102 26.82 23.10 25.03
CA TYR A 102 26.39 21.71 25.28
C TYR A 102 27.26 20.99 26.32
N ALA A 103 28.57 21.25 26.29
CA ALA A 103 29.49 20.71 27.32
C ALA A 103 29.05 21.16 28.68
N LEU A 104 28.62 22.41 28.77
CA LEU A 104 28.21 22.94 30.07
C LEU A 104 26.90 22.30 30.55
N GLN A 105 26.00 22.00 29.63
CA GLN A 105 24.74 21.34 29.98
C GLN A 105 24.95 19.91 30.53
N THR A 106 25.96 19.21 29.99
CA THR A 106 26.35 17.91 30.51
C THR A 106 27.07 18.09 31.85
N PHE A 107 27.96 19.08 31.92
CA PHE A 107 28.70 19.36 33.14
C PHE A 107 27.75 19.66 34.29
N ALA A 108 26.70 20.44 34.03
CA ALA A 108 25.70 20.77 35.07
C ALA A 108 25.02 19.54 35.65
N GLN A 109 24.88 18.50 34.86
CA GLN A 109 24.23 17.24 35.29
C GLN A 109 25.16 16.33 36.08
N LEU A 110 26.48 16.42 35.82
CA LEU A 110 27.50 15.60 36.49
C LEU A 110 27.70 16.02 37.95
N LEU A 111 27.54 17.32 38.19
CA LEU A 111 27.81 17.93 39.48
C LEU A 111 26.74 17.52 40.49
N LYS A 112 27.15 16.73 41.49
CA LYS A 112 26.24 16.16 42.48
C LYS A 112 26.60 16.64 43.87
N ASP A 113 25.85 17.63 44.34
CA ASP A 113 26.11 18.35 45.60
C ASP A 113 27.61 18.60 45.90
N GLY A 114 28.22 19.47 45.09
CA GLY A 114 29.61 19.87 45.25
C GLY A 114 30.65 18.90 44.72
N LYS A 115 30.21 17.71 44.30
CA LYS A 115 31.10 16.68 43.77
C LYS A 115 30.91 16.44 42.27
N LEU A 116 31.99 16.04 41.60
CA LEU A 116 31.95 15.68 40.19
C LEU A 116 32.55 14.30 40.02
N PRO A 117 31.97 13.46 39.13
CA PRO A 117 32.65 12.21 38.85
C PRO A 117 33.86 12.50 37.98
N GLU A 118 34.82 11.58 38.00
CA GLU A 118 35.96 11.67 37.11
C GLU A 118 35.59 11.01 35.79
N VAL A 119 35.47 11.83 34.75
CA VAL A 119 34.94 11.39 33.46
C VAL A 119 35.69 12.01 32.27
N GLU A 120 35.64 11.31 31.15
CA GLU A 120 36.08 11.85 29.88
C GLU A 120 34.95 11.59 28.88
N ILE A 121 34.43 12.68 28.31
CA ILE A 121 33.29 12.61 27.41
C ILE A 121 33.65 13.22 26.08
N LYS A 122 33.31 12.50 25.03
CA LYS A 122 33.38 13.00 23.68
C LYS A 122 31.96 12.84 23.12
N ASP A 123 31.36 13.97 22.71
CA ASP A 123 29.92 14.01 22.42
C ASP A 123 29.55 14.96 21.26
N TYR A 124 28.44 14.63 20.59
CA TYR A 124 27.95 15.39 19.43
C TYR A 124 26.57 14.78 19.10
N PRO A 125 25.69 15.52 18.39
CA PRO A 125 24.39 14.93 18.01
C PRO A 125 24.40 14.04 16.75
N SER A 126 23.56 13.02 16.73
CA SER A 126 23.43 12.20 15.52
C SER A 126 22.53 12.82 14.45
N VAL A 127 21.62 13.71 14.90
CA VAL A 127 20.68 14.41 14.03
C VAL A 127 20.95 15.91 14.16
N ARG A 128 21.02 16.58 13.02
CA ARG A 128 21.51 17.97 12.94
C ARG A 128 20.53 18.98 13.60
N TYR A 129 19.23 18.78 13.35
CA TYR A 129 18.16 19.65 13.88
C TYR A 129 17.24 18.86 14.77
N ARG A 130 17.07 19.34 16.00
CA ARG A 130 16.38 18.56 17.02
C ARG A 130 15.54 19.54 17.78
N GLY A 131 14.24 19.30 17.92
CA GLY A 131 13.47 20.20 18.76
C GLY A 131 11.98 20.00 18.72
N VAL A 132 11.28 21.12 18.68
CA VAL A 132 9.83 21.17 18.87
C VAL A 132 9.21 22.06 17.79
N VAL A 133 8.16 21.57 17.13
CA VAL A 133 7.31 22.44 16.33
C VAL A 133 6.02 22.69 17.14
N GLU A 134 5.80 23.93 17.60
CA GLU A 134 4.47 24.27 18.15
C GLU A 134 3.57 24.42 16.95
N GLY A 135 2.95 23.33 16.50
CA GLY A 135 2.31 23.32 15.18
C GLY A 135 0.92 22.70 15.18
N PHE A 136 0.35 22.58 16.38
CA PHE A 136 -0.96 21.98 16.59
C PHE A 136 -2.09 23.01 16.41
N TYR A 137 -3.29 22.46 16.26
CA TYR A 137 -4.57 23.18 16.38
C TYR A 137 -4.99 23.26 17.83
N GLY A 138 -5.59 24.39 18.22
CA GLY A 138 -5.96 24.57 19.63
C GLY A 138 -5.36 25.82 20.20
N THR A 139 -5.55 26.05 21.49
CA THR A 139 -5.09 27.27 22.10
C THR A 139 -3.57 27.31 22.02
N PRO A 140 -3.00 28.31 21.28
CA PRO A 140 -1.52 28.43 21.25
C PRO A 140 -0.90 28.53 22.64
N TRP A 141 0.33 28.05 22.78
CA TRP A 141 1.03 28.11 24.09
C TRP A 141 1.08 29.55 24.60
N SER A 142 0.91 29.78 25.91
CA SER A 142 1.07 31.15 26.48
C SER A 142 2.50 31.66 26.32
N HIS A 143 2.67 32.97 26.39
CA HIS A 143 4.01 33.57 26.40
C HIS A 143 4.89 32.95 27.48
N GLN A 144 4.37 32.85 28.69
CA GLN A 144 5.15 32.29 29.80
C GLN A 144 5.58 30.84 29.57
N ALA A 145 4.66 30.03 29.03
CA ALA A 145 4.96 28.65 28.69
C ALA A 145 6.11 28.56 27.72
N ARG A 146 6.04 29.32 26.60
CA ARG A 146 7.10 29.35 25.59
C ARG A 146 8.44 29.76 26.18
N LEU A 147 8.45 30.74 27.07
CA LEU A 147 9.70 31.15 27.74
C LEU A 147 10.30 29.98 28.52
N SER A 148 9.44 29.22 29.19
CA SER A 148 9.87 28.05 29.96
C SER A 148 10.37 26.93 29.04
N GLN A 149 9.66 26.71 27.92
CA GLN A 149 10.07 25.74 26.90
C GLN A 149 11.49 26.00 26.40
N LEU A 150 11.77 27.25 26.03
CA LEU A 150 13.10 27.61 25.50
C LEU A 150 14.26 27.28 26.42
N LYS A 151 14.06 27.45 27.72
CA LYS A 151 15.09 27.09 28.69
C LYS A 151 15.27 25.58 28.84
N PHE A 152 14.15 24.87 28.77
CA PHE A 152 14.11 23.40 28.77
C PHE A 152 14.84 22.85 27.57
N TYR A 153 14.65 23.46 26.38
CA TYR A 153 15.34 23.00 25.18
C TYR A 153 16.86 23.10 25.28
N GLY A 154 17.36 24.24 25.75
CA GLY A 154 18.80 24.47 25.92
C GLY A 154 19.43 23.43 26.83
N LYS A 155 18.77 23.16 27.97
CA LYS A 155 19.19 22.15 28.92
C LYS A 155 19.24 20.77 28.30
N ASN A 156 18.36 20.51 27.32
CA ASN A 156 18.29 19.18 26.76
C ASN A 156 18.85 19.09 25.34
N LYS A 157 19.57 20.13 24.95
CA LYS A 157 20.34 20.22 23.69
C LYS A 157 19.46 20.16 22.47
N MET A 158 18.22 20.64 22.57
CA MET A 158 17.39 20.86 21.37
C MET A 158 17.73 22.22 20.77
N ASN A 159 18.04 22.27 19.48
CA ASN A 159 18.55 23.52 18.88
C ASN A 159 17.50 24.21 18.02
N THR A 160 16.29 23.66 18.06
CA THR A 160 15.21 24.06 17.16
C THR A 160 13.83 24.24 17.81
N TYR A 161 13.29 25.45 17.66
CA TYR A 161 11.90 25.75 18.01
C TYR A 161 11.21 26.32 16.79
N ILE A 162 10.25 25.56 16.23
CA ILE A 162 9.48 26.05 15.10
C ILE A 162 8.12 26.58 15.56
N TYR A 163 7.97 27.89 15.47
CA TYR A 163 6.75 28.55 15.82
C TYR A 163 5.75 28.45 14.67
N GLY A 164 4.70 27.65 14.88
CA GLY A 164 3.60 27.58 13.91
C GLY A 164 2.21 27.17 14.41
N PRO A 165 1.66 27.88 15.43
CA PRO A 165 0.35 27.38 15.93
C PRO A 165 -0.72 27.62 14.88
N LYS A 166 -1.42 26.56 14.49
CA LYS A 166 -2.43 26.65 13.42
C LYS A 166 -3.47 27.76 13.66
N ASP A 167 -3.72 28.06 14.93
CA ASP A 167 -4.77 29.04 15.28
C ASP A 167 -4.24 30.43 15.64
N ASP A 168 -2.96 30.69 15.37
CA ASP A 168 -2.42 32.06 15.35
C ASP A 168 -2.85 32.74 14.04
N PRO A 169 -3.73 33.79 14.11
CA PRO A 169 -4.20 34.49 12.92
C PRO A 169 -3.09 35.13 12.07
N TYR A 170 -1.97 35.51 12.68
CA TYR A 170 -0.82 36.09 11.93
C TYR A 170 0.15 35.04 11.34
N HIS A 171 -0.12 33.77 11.64
CA HIS A 171 0.62 32.63 11.09
C HIS A 171 -0.14 32.04 9.88
N SER A 172 -1.45 31.88 10.05
CA SER A 172 -2.29 31.24 9.02
C SER A 172 -3.25 32.26 8.34
N ALA A 173 -4.23 31.80 7.57
CA ALA A 173 -5.02 32.70 6.70
C ALA A 173 -6.16 33.39 7.46
N PRO A 174 -6.53 34.64 7.07
CA PRO A 174 -5.94 35.52 6.03
C PRO A 174 -4.87 36.47 6.52
N ASN A 175 -4.72 36.57 7.85
CA ASN A 175 -3.83 37.58 8.43
C ASN A 175 -2.36 37.20 8.46
N TRP A 176 -1.99 36.12 7.76
CA TRP A 176 -0.60 35.87 7.50
C TRP A 176 0.10 37.06 6.82
N ARG A 177 -0.67 37.83 6.04
CA ARG A 177 -0.21 39.04 5.34
C ARG A 177 0.08 40.23 6.27
N LEU A 178 -0.51 40.22 7.46
CA LEU A 178 -0.42 41.33 8.41
C LEU A 178 0.74 41.17 9.38
N PRO A 179 1.45 42.26 9.73
CA PRO A 179 2.44 42.18 10.83
C PRO A 179 1.74 41.95 12.18
N TYR A 180 2.42 41.27 13.11
CA TYR A 180 1.93 41.11 14.47
C TYR A 180 1.64 42.49 15.03
N PRO A 181 0.56 42.64 15.81
CA PRO A 181 0.39 43.90 16.55
C PRO A 181 1.55 44.09 17.50
N ASP A 182 1.72 45.30 18.05
CA ASP A 182 2.89 45.65 18.84
C ASP A 182 3.17 44.75 20.02
N LYS A 183 2.11 44.43 20.77
CA LYS A 183 2.26 43.62 21.98
C LYS A 183 2.84 42.25 21.66
N GLU A 184 2.20 41.54 20.72
CA GLU A 184 2.66 40.23 20.26
C GLU A 184 4.04 40.29 19.60
N ALA A 185 4.27 41.32 18.78
CA ALA A 185 5.59 41.57 18.20
C ALA A 185 6.68 41.68 19.26
N ALA A 186 6.43 42.45 20.32
CA ALA A 186 7.39 42.57 21.46
C ALA A 186 7.61 41.23 22.20
N GLN A 187 6.53 40.47 22.36
CA GLN A 187 6.64 39.13 22.94
C GLN A 187 7.51 38.22 22.06
N LEU A 188 7.26 38.22 20.75
CA LEU A 188 8.06 37.43 19.81
C LEU A 188 9.51 37.84 19.83
N GLN A 189 9.76 39.14 19.97
CA GLN A 189 11.11 39.65 20.09
C GLN A 189 11.81 39.09 21.33
N GLU A 190 11.11 39.08 22.46
CA GLU A 190 11.64 38.50 23.68
C GLU A 190 11.86 36.99 23.55
N LEU A 191 10.92 36.25 22.93
CA LEU A 191 11.16 34.82 22.63
C LEU A 191 12.43 34.58 21.82
N VAL A 192 12.62 35.33 20.75
CA VAL A 192 13.87 35.24 19.97
C VAL A 192 15.12 35.47 20.82
N ALA A 193 15.10 36.53 21.65
CA ALA A 193 16.25 36.82 22.53
C ALA A 193 16.53 35.65 23.48
N VAL A 194 15.47 35.12 24.08
CA VAL A 194 15.58 34.01 25.02
C VAL A 194 16.05 32.74 24.27
N ALA A 195 15.50 32.52 23.07
CA ALA A 195 15.93 31.36 22.29
C ALA A 195 17.44 31.44 22.07
N ASN A 196 17.92 32.61 21.64
CA ASN A 196 19.35 32.84 21.39
C ASN A 196 20.24 32.56 22.60
N GLU A 197 19.81 33.04 23.79
CA GLU A 197 20.50 32.78 25.08
C GLU A 197 20.65 31.28 25.41
N ASN A 198 19.69 30.49 24.97
CA ASN A 198 19.62 29.06 25.23
C ASN A 198 20.08 28.21 24.06
N GLU A 199 20.74 28.86 23.08
CA GLU A 199 21.29 28.22 21.86
C GLU A 199 20.24 27.52 21.00
N VAL A 200 19.06 28.12 20.97
CA VAL A 200 17.94 27.59 20.20
C VAL A 200 17.67 28.51 19.00
N ASP A 201 17.48 27.91 17.84
CA ASP A 201 17.06 28.56 16.61
C ASP A 201 15.57 28.73 16.69
N PHE A 202 15.11 29.99 16.76
CA PHE A 202 13.68 30.28 16.65
C PHE A 202 13.35 30.29 15.16
N VAL A 203 12.52 29.37 14.72
CA VAL A 203 12.16 29.26 13.32
C VAL A 203 10.72 29.78 13.23
N TRP A 204 10.51 30.89 12.52
CA TRP A 204 9.15 31.37 12.35
C TRP A 204 8.54 30.86 11.05
N ALA A 205 7.47 30.10 11.20
CA ALA A 205 6.72 29.51 10.08
C ALA A 205 5.52 30.38 9.72
N ILE A 206 5.18 30.36 8.44
CA ILE A 206 4.01 31.00 7.89
C ILE A 206 3.21 29.89 7.25
N HIS A 207 1.89 30.06 7.20
CA HIS A 207 0.95 29.04 6.68
C HIS A 207 -0.06 29.72 5.71
N PRO A 208 0.41 30.06 4.47
CA PRO A 208 -0.35 31.00 3.61
C PRO A 208 -1.22 30.32 2.55
N GLY A 209 -1.12 28.99 2.45
CA GLY A 209 -1.57 28.26 1.27
C GLY A 209 -3.07 28.15 1.00
N GLN A 210 -3.91 28.41 1.99
CA GLN A 210 -5.37 28.26 1.77
C GLN A 210 -5.94 29.35 0.86
N ASP A 211 -5.34 30.53 0.88
CA ASP A 211 -5.84 31.69 0.14
C ASP A 211 -4.70 32.45 -0.53
N ILE A 212 -3.54 31.83 -0.68
CA ILE A 212 -2.45 32.46 -1.40
C ILE A 212 -2.82 32.58 -2.90
N LYS A 213 -2.55 33.73 -3.48
CA LYS A 213 -2.65 33.88 -4.92
C LYS A 213 -1.23 33.81 -5.46
N TRP A 214 -1.04 33.12 -6.57
CA TRP A 214 0.31 33.04 -7.14
C TRP A 214 0.60 34.31 -8.00
N ASN A 215 0.62 35.46 -7.34
CA ASN A 215 0.89 36.75 -7.99
C ASN A 215 1.92 37.55 -7.19
N LYS A 216 2.34 38.70 -7.72
CA LYS A 216 3.35 39.54 -7.06
C LYS A 216 2.88 40.12 -5.75
N GLU A 217 1.60 40.46 -5.67
CA GLU A 217 1.04 41.09 -4.49
C GLU A 217 1.29 40.22 -3.24
N ASP A 218 0.96 38.94 -3.35
CA ASP A 218 1.04 38.01 -2.21
C ASP A 218 2.48 37.55 -1.94
N ARG A 219 3.25 37.33 -3.01
CA ARG A 219 4.70 37.15 -2.93
C ARG A 219 5.37 38.23 -2.08
N ASP A 220 5.13 39.51 -2.44
CA ASP A 220 5.72 40.64 -1.72
C ASP A 220 5.21 40.74 -0.29
N LEU A 221 3.92 40.52 -0.09
CA LEU A 221 3.34 40.50 1.25
C LEU A 221 4.05 39.45 2.12
N LEU A 222 4.27 38.27 1.57
CA LEU A 222 4.96 37.19 2.30
C LEU A 222 6.38 37.61 2.66
N LEU A 223 7.12 38.07 1.66
CA LEU A 223 8.50 38.53 1.90
C LEU A 223 8.54 39.72 2.81
N ALA A 224 7.55 40.61 2.70
CA ALA A 224 7.47 41.73 3.66
C ALA A 224 7.21 41.28 5.11
N LYS A 225 6.40 40.25 5.29
CA LYS A 225 6.15 39.68 6.63
C LYS A 225 7.42 39.02 7.19
N PHE A 226 8.10 38.24 6.37
CA PHE A 226 9.38 37.64 6.71
C PHE A 226 10.37 38.75 7.12
N GLU A 227 10.40 39.86 6.36
CA GLU A 227 11.20 41.04 6.73
C GLU A 227 10.83 41.62 8.10
N LYS A 228 9.52 41.70 8.39
CA LYS A 228 9.08 42.18 9.70
CA LYS A 228 9.04 42.14 9.70
C LYS A 228 9.60 41.26 10.81
N MET A 229 9.50 39.95 10.59
CA MET A 229 9.99 38.96 11.55
C MET A 229 11.51 39.04 11.76
N TYR A 230 12.24 39.22 10.66
CA TYR A 230 13.68 39.48 10.68
C TYR A 230 14.05 40.67 11.61
N GLN A 231 13.31 41.77 11.46
CA GLN A 231 13.45 42.98 12.29
C GLN A 231 13.24 42.67 13.77
N LEU A 232 12.39 41.69 14.07
CA LEU A 232 12.20 41.22 15.45
C LEU A 232 13.29 40.25 15.92
N GLY A 233 14.21 39.89 15.03
CA GLY A 233 15.36 39.06 15.41
C GLY A 233 15.36 37.65 14.83
N VAL A 234 14.30 37.29 14.10
CA VAL A 234 14.15 35.94 13.54
C VAL A 234 15.18 35.70 12.43
N ARG A 235 15.92 34.59 12.55
CA ARG A 235 16.96 34.23 11.56
C ARG A 235 16.76 32.89 10.84
N SER A 236 15.69 32.18 11.20
CA SER A 236 15.29 30.93 10.52
C SER A 236 13.81 31.05 10.19
N PHE A 237 13.40 30.41 9.09
CA PHE A 237 12.07 30.61 8.49
C PHE A 237 11.51 29.31 7.90
N ALA A 238 10.19 29.17 7.93
CA ALA A 238 9.49 28.05 7.28
C ALA A 238 8.22 28.50 6.56
N VAL A 239 7.84 27.77 5.51
CA VAL A 239 6.53 27.97 4.84
C VAL A 239 5.81 26.62 4.87
N PHE A 240 4.65 26.58 5.53
CA PHE A 240 3.86 25.34 5.64
C PHE A 240 2.70 25.27 4.65
N PHE A 241 2.60 24.15 3.91
CA PHE A 241 1.49 23.95 3.00
C PHE A 241 0.62 22.74 3.37
N ASP A 242 0.53 22.47 4.66
CA ASP A 242 -0.22 21.31 5.17
C ASP A 242 -1.68 21.65 5.41
N ASP A 243 -2.56 20.66 5.20
CA ASP A 243 -3.98 20.78 5.53
C ASP A 243 -4.65 21.93 4.78
N ILE A 244 -4.39 22.00 3.48
CA ILE A 244 -4.99 23.00 2.59
C ILE A 244 -5.57 22.34 1.32
N SER A 245 -6.46 23.08 0.65
CA SER A 245 -6.96 22.68 -0.66
C SER A 245 -6.85 23.86 -1.60
N GLY A 246 -6.94 23.59 -2.89
CA GLY A 246 -6.95 24.67 -3.85
C GLY A 246 -5.64 24.84 -4.59
N GLU A 247 -5.50 26.02 -5.20
CA GLU A 247 -4.33 26.32 -6.01
C GLU A 247 -3.04 26.38 -5.19
N GLY A 248 -3.18 26.67 -3.91
CA GLY A 248 -2.04 26.71 -2.97
C GLY A 248 -1.31 25.37 -2.90
N THR A 249 -1.95 24.31 -3.38
CA THR A 249 -1.36 22.96 -3.38
C THR A 249 -0.42 22.71 -4.58
N ASN A 250 -0.28 23.71 -5.45
CA ASN A 250 0.53 23.58 -6.68
C ASN A 250 2.01 23.47 -6.29
N PRO A 251 2.62 22.29 -6.56
CA PRO A 251 4.01 22.02 -6.17
C PRO A 251 5.06 22.87 -6.91
N GLN A 252 4.82 23.16 -8.19
CA GLN A 252 5.75 23.99 -8.98
C GLN A 252 5.79 25.39 -8.41
N LYS A 253 4.62 25.91 -8.05
CA LYS A 253 4.48 27.24 -7.50
C LYS A 253 5.04 27.35 -6.09
N GLN A 254 4.79 26.33 -5.26
CA GLN A 254 5.41 26.22 -3.95
C GLN A 254 6.93 26.23 -4.05
N ALA A 255 7.46 25.34 -4.91
CA ALA A 255 8.89 25.24 -5.15
C ALA A 255 9.45 26.60 -5.60
N GLU A 256 8.76 27.25 -6.54
CA GLU A 256 9.20 28.54 -7.04
C GLU A 256 9.15 29.61 -5.97
N LEU A 257 8.13 29.55 -5.10
CA LEU A 257 8.07 30.51 -3.99
C LEU A 257 9.22 30.30 -3.01
N LEU A 258 9.45 29.05 -2.61
CA LEU A 258 10.54 28.76 -1.68
C LEU A 258 11.93 29.16 -2.24
N ASN A 259 12.17 28.85 -3.51
CA ASN A 259 13.42 29.22 -4.16
C ASN A 259 13.61 30.72 -4.25
N TYR A 260 12.51 31.46 -4.43
CA TYR A 260 12.53 32.91 -4.48
C TYR A 260 12.86 33.48 -3.11
N ILE A 261 12.25 32.92 -2.07
CA ILE A 261 12.55 33.30 -0.70
C ILE A 261 14.04 33.04 -0.44
N ASP A 262 14.49 31.86 -0.84
CA ASP A 262 15.89 31.44 -0.68
C ASP A 262 16.82 32.46 -1.37
N GLU A 263 16.54 32.75 -2.64
CA GLU A 263 17.41 33.54 -3.49
C GLU A 263 17.39 35.04 -3.18
N LYS A 264 16.21 35.55 -2.83
CA LYS A 264 16.05 36.97 -2.53
C LYS A 264 16.19 37.34 -1.04
N PHE A 265 16.26 36.35 -0.15
CA PHE A 265 16.13 36.62 1.28
C PHE A 265 17.10 35.73 2.06
N ALA A 266 16.84 34.42 2.11
CA ALA A 266 17.73 33.50 2.83
C ALA A 266 19.22 33.65 2.39
N GLN A 267 19.47 33.77 1.10
CA GLN A 267 20.85 33.89 0.59
C GLN A 267 21.34 35.35 0.42
N VAL A 268 20.54 36.31 0.85
CA VAL A 268 20.85 37.74 0.70
C VAL A 268 21.22 38.40 2.05
N LYS A 269 20.44 38.08 3.09
CA LYS A 269 20.74 38.56 4.46
C LYS A 269 22.11 38.06 4.89
N PRO A 270 22.75 38.82 5.80
CA PRO A 270 24.06 38.45 6.33
C PRO A 270 24.08 37.16 7.18
N ASP A 271 22.93 36.72 7.71
CA ASP A 271 22.95 35.77 8.84
C ASP A 271 21.70 34.87 9.01
N ILE A 272 21.04 34.55 7.90
CA ILE A 272 19.93 33.59 7.96
C ILE A 272 20.45 32.17 8.04
N ASN A 273 19.74 31.35 8.82
CA ASN A 273 20.10 29.95 9.09
C ASN A 273 19.22 28.90 8.38
N GLN A 274 18.15 28.40 8.99
CA GLN A 274 17.34 27.39 8.35
C GLN A 274 16.31 28.00 7.39
N LEU A 275 16.08 27.35 6.25
CA LEU A 275 14.85 27.57 5.48
C LEU A 275 14.16 26.22 5.26
N VAL A 276 12.92 26.13 5.72
CA VAL A 276 12.20 24.85 5.83
C VAL A 276 10.82 24.99 5.23
N MET A 277 10.34 23.92 4.60
CA MET A 277 8.97 23.91 4.11
C MET A 277 8.27 22.59 4.52
N CYS A 278 6.96 22.67 4.77
CA CYS A 278 6.16 21.46 5.00
C CYS A 278 5.25 21.25 3.78
N PRO A 279 5.37 20.10 3.13
CA PRO A 279 4.56 19.86 1.91
C PRO A 279 3.08 19.61 2.18
N THR A 280 2.29 19.75 1.12
CA THR A 280 0.87 19.40 1.16
C THR A 280 0.71 17.87 1.30
N GLU A 281 1.54 17.14 0.55
CA GLU A 281 1.68 15.69 0.76
C GLU A 281 2.75 15.45 1.81
N TYR A 282 2.31 15.44 3.08
CA TYR A 282 3.26 15.40 4.20
C TYR A 282 3.40 14.05 4.88
N ASN A 283 2.69 13.05 4.37
CA ASN A 283 2.84 11.67 4.81
C ASN A 283 2.45 10.73 3.65
N LYS A 284 2.91 9.48 3.71
CA LYS A 284 2.72 8.53 2.62
C LYS A 284 1.26 8.31 2.24
N SER A 285 0.37 8.14 3.21
CA SER A 285 -1.07 7.94 2.95
C SER A 285 -1.78 9.15 2.30
N TRP A 286 -1.18 10.33 2.45
CA TRP A 286 -1.75 11.56 1.90
C TRP A 286 -1.05 11.95 0.59
N SER A 287 -0.08 11.13 0.22
CA SER A 287 0.67 11.25 -1.02
CA SER A 287 0.65 11.27 -1.03
C SER A 287 0.02 10.45 -2.17
N ASN A 288 0.17 10.96 -3.39
CA ASN A 288 -0.29 10.24 -4.58
C ASN A 288 0.96 9.65 -5.25
N PRO A 289 1.18 8.33 -5.09
CA PRO A 289 2.37 7.70 -5.66
C PRO A 289 2.42 7.82 -7.19
N ASN A 290 1.26 8.10 -7.81
CA ASN A 290 1.14 8.27 -9.27
C ASN A 290 1.01 9.75 -9.69
N GLY A 291 1.04 10.65 -8.71
CA GLY A 291 1.08 12.08 -8.96
C GLY A 291 2.50 12.58 -9.01
N ASN A 292 2.68 13.79 -9.45
CA ASN A 292 4.03 14.36 -9.58
C ASN A 292 4.43 15.28 -8.42
N TYR A 293 3.60 15.34 -7.38
CA TYR A 293 3.75 16.37 -6.38
C TYR A 293 5.12 16.33 -5.67
N LEU A 294 5.48 15.17 -5.12
CA LEU A 294 6.69 15.04 -4.30
C LEU A 294 7.95 15.02 -5.14
N THR A 295 7.85 14.45 -6.35
CA THR A 295 9.00 14.46 -7.26
C THR A 295 9.26 15.88 -7.78
N THR A 296 8.19 16.64 -8.03
CA THR A 296 8.35 18.04 -8.38
C THR A 296 9.08 18.83 -7.29
N LEU A 297 8.66 18.66 -6.03
CA LEU A 297 9.36 19.34 -4.93
C LEU A 297 10.83 18.91 -4.85
N GLY A 298 11.06 17.61 -4.96
CA GLY A 298 12.38 17.02 -4.83
C GLY A 298 13.34 17.51 -5.89
N ASP A 299 12.87 17.57 -7.14
CA ASP A 299 13.65 18.08 -8.27
C ASP A 299 13.87 19.61 -8.25
N LYS A 300 12.81 20.36 -7.95
CA LYS A 300 12.80 21.80 -8.14
C LYS A 300 13.28 22.61 -6.94
N LEU A 301 13.01 22.12 -5.71
CA LEU A 301 13.45 22.84 -4.49
C LEU A 301 14.97 22.94 -4.33
N ASN A 302 15.48 24.15 -4.09
CA ASN A 302 16.91 24.39 -3.88
C ASN A 302 17.44 23.45 -2.79
N PRO A 303 18.66 22.91 -2.97
CA PRO A 303 19.12 21.79 -2.14
C PRO A 303 19.27 22.12 -0.65
N SER A 304 19.41 23.39 -0.32
CA SER A 304 19.56 23.79 1.07
C SER A 304 18.21 23.87 1.80
N ILE A 305 17.12 23.82 1.06
CA ILE A 305 15.81 23.95 1.69
C ILE A 305 15.38 22.60 2.31
N GLN A 306 14.90 22.63 3.54
CA GLN A 306 14.42 21.39 4.21
C GLN A 306 12.97 21.07 3.85
N ILE A 307 12.67 19.77 3.77
CA ILE A 307 11.33 19.31 3.50
C ILE A 307 10.83 18.38 4.60
N MET A 308 9.71 18.76 5.21
CA MET A 308 9.18 18.07 6.38
C MET A 308 8.32 16.85 6.00
N TRP A 309 8.12 15.97 6.98
CA TRP A 309 7.46 14.68 6.76
C TRP A 309 7.02 14.05 8.08
N THR A 310 5.77 13.57 8.12
CA THR A 310 5.17 12.99 9.34
C THR A 310 5.18 11.45 9.35
N GLY A 311 5.61 10.85 8.25
CA GLY A 311 5.91 9.43 8.21
C GLY A 311 4.95 8.77 7.24
N ASP A 312 4.58 7.52 7.52
CA ASP A 312 3.66 6.77 6.65
C ASP A 312 2.21 7.21 6.73
N ARG A 313 1.82 7.78 7.87
CA ARG A 313 0.46 8.29 8.09
C ARG A 313 0.53 9.68 8.75
N VAL A 314 -0.61 10.35 8.90
CA VAL A 314 -0.65 11.65 9.58
C VAL A 314 -0.02 11.49 10.95
N ILE A 315 -0.44 10.46 11.69
CA ILE A 315 0.20 10.13 12.96
C ILE A 315 0.91 8.79 12.81
N SER A 316 2.25 8.81 12.80
CA SER A 316 3.00 7.56 12.72
C SER A 316 4.41 7.65 13.28
N ASP A 317 5.00 6.50 13.56
CA ASP A 317 6.36 6.43 14.02
C ASP A 317 7.25 6.16 12.80
N ILE A 318 8.50 6.60 12.86
CA ILE A 318 9.33 6.65 11.65
C ILE A 318 10.10 5.34 11.52
N THR A 319 9.96 4.73 10.34
CA THR A 319 10.63 3.46 10.00
C THR A 319 11.72 3.69 8.96
N ARG A 320 12.66 2.76 8.89
CA ARG A 320 13.67 2.75 7.83
C ARG A 320 13.03 2.76 6.44
N ASP A 321 12.10 1.85 6.21
CA ASP A 321 11.42 1.74 4.92
C ASP A 321 10.59 2.96 4.61
N GLY A 322 9.89 3.52 5.60
CA GLY A 322 9.14 4.76 5.39
C GLY A 322 9.99 5.99 5.02
N ILE A 323 11.10 6.17 5.72
CA ILE A 323 11.95 7.33 5.45
C ILE A 323 12.68 7.14 4.09
N SER A 324 12.93 5.88 3.70
CA SER A 324 13.57 5.58 2.40
C SER A 324 12.66 5.98 1.28
N TRP A 325 11.38 5.63 1.42
CA TRP A 325 10.36 5.99 0.43
C TRP A 325 10.29 7.51 0.13
N ILE A 326 10.24 8.34 1.17
CA ILE A 326 10.15 9.78 0.94
C ILE A 326 11.48 10.35 0.44
N ASN A 327 12.60 9.90 1.04
CA ASN A 327 13.94 10.39 0.71
C ASN A 327 14.28 10.24 -0.78
N GLU A 328 13.86 9.11 -1.36
CA GLU A 328 13.95 8.84 -2.80
C GLU A 328 13.22 9.87 -3.67
N ARG A 329 12.08 10.37 -3.20
CA ARG A 329 11.26 11.30 -3.95
C ARG A 329 11.72 12.74 -3.78
N ILE A 330 12.05 13.11 -2.54
CA ILE A 330 12.45 14.50 -2.25
C ILE A 330 13.93 14.78 -2.49
N LYS A 331 14.68 13.70 -2.71
CA LYS A 331 16.09 13.73 -3.08
C LYS A 331 16.96 14.40 -2.02
N ARG A 332 16.59 14.22 -0.74
CA ARG A 332 17.33 14.75 0.41
C ARG A 332 16.82 14.05 1.68
N PRO A 333 17.58 14.08 2.80
CA PRO A 333 17.05 13.45 4.00
C PRO A 333 15.87 14.27 4.59
N ALA A 334 14.72 13.62 4.72
CA ALA A 334 13.50 14.22 5.31
C ALA A 334 13.77 14.88 6.66
N TYR A 335 13.04 15.95 6.93
CA TYR A 335 13.14 16.67 8.19
C TYR A 335 11.87 16.24 8.92
N ILE A 336 12.01 15.36 9.90
CA ILE A 336 10.82 14.74 10.51
C ILE A 336 10.01 15.70 11.40
N TRP A 337 8.72 15.74 11.12
CA TRP A 337 7.64 16.31 11.94
C TRP A 337 6.91 15.13 12.60
N TRP A 338 7.25 14.82 13.85
CA TRP A 338 6.63 13.70 14.58
C TRP A 338 5.42 14.16 15.39
N ASN A 339 4.26 13.58 15.06
CA ASN A 339 2.99 13.97 15.63
C ASN A 339 2.67 13.16 16.88
N PHE A 340 3.52 13.37 17.89
CA PHE A 340 3.32 12.92 19.25
C PHE A 340 4.19 13.84 20.11
N PRO A 341 3.66 14.30 21.27
CA PRO A 341 2.36 13.98 21.90
C PRO A 341 1.11 14.79 21.48
N VAL A 342 1.16 15.47 20.33
CA VAL A 342 0.02 16.27 19.91
C VAL A 342 -1.32 15.53 20.16
N SER A 343 -2.27 16.20 20.84
CA SER A 343 -3.53 15.56 21.27
C SER A 343 -4.72 16.28 20.67
N ASP A 344 -4.47 17.08 19.64
CA ASP A 344 -5.47 18.05 19.13
C ASP A 344 -6.66 17.39 18.42
N TYR A 345 -6.54 16.07 18.22
CA TYR A 345 -7.62 15.24 17.68
C TYR A 345 -8.18 14.27 18.75
N VAL A 346 -7.61 14.29 19.94
CA VAL A 346 -8.10 13.46 21.06
C VAL A 346 -8.02 14.35 22.32
N ARG A 347 -8.68 15.50 22.21
CA ARG A 347 -8.47 16.62 23.14
C ARG A 347 -8.88 16.35 24.57
N ASP A 348 -9.76 15.35 24.74
CA ASP A 348 -10.17 14.91 26.09
C ASP A 348 -9.15 13.98 26.79
N HIS A 349 -8.04 13.66 26.11
CA HIS A 349 -6.98 12.82 26.69
C HIS A 349 -5.68 13.63 26.88
N LEU A 350 -4.94 13.27 27.92
CA LEU A 350 -3.57 13.70 28.09
C LEU A 350 -2.70 12.53 27.63
N LEU A 351 -1.59 12.82 26.94
CA LEU A 351 -0.73 11.74 26.40
C LEU A 351 0.65 11.87 27.06
N LEU A 352 0.79 11.17 28.19
CA LEU A 352 1.90 11.41 29.13
C LEU A 352 2.80 10.20 29.16
N GLY A 353 2.65 9.31 28.18
CA GLY A 353 3.41 8.07 28.19
C GLY A 353 4.79 8.25 27.56
N PRO A 354 5.61 7.19 27.62
CA PRO A 354 6.93 7.18 26.98
C PRO A 354 6.92 7.47 25.48
N VAL A 355 8.05 7.94 25.00
CA VAL A 355 8.32 8.14 23.59
C VAL A 355 9.00 6.86 23.08
N TYR A 356 8.35 6.19 22.14
CA TYR A 356 8.86 4.93 21.54
C TYR A 356 8.32 4.80 20.12
N GLY A 357 8.85 3.82 19.38
CA GLY A 357 8.33 3.40 18.10
C GLY A 357 9.18 3.83 16.93
N ASN A 358 10.06 4.82 17.17
CA ASN A 358 10.88 5.35 16.07
C ASN A 358 12.18 4.56 15.95
N ASP A 359 12.50 4.17 14.72
CA ASP A 359 13.72 3.41 14.43
C ASP A 359 14.91 4.18 15.00
N THR A 360 15.77 3.47 15.73
CA THR A 360 16.90 4.11 16.38
C THR A 360 18.20 4.03 15.56
N THR A 361 18.11 3.54 14.33
CA THR A 361 19.30 3.30 13.50
C THR A 361 19.33 4.16 12.22
N ILE A 362 18.40 5.12 12.12
CA ILE A 362 18.20 5.90 10.90
C ILE A 362 18.58 7.38 10.99
N ALA A 363 19.46 7.72 11.93
CA ALA A 363 19.93 9.09 12.12
C ALA A 363 20.43 9.72 10.82
N LYS A 364 21.19 8.94 10.03
CA LYS A 364 21.76 9.42 8.76
C LYS A 364 20.72 9.73 7.70
N GLU A 365 19.51 9.19 7.85
CA GLU A 365 18.44 9.34 6.86
C GLU A 365 17.49 10.51 7.16
N MET A 366 17.76 11.24 8.24
CA MET A 366 16.97 12.44 8.54
C MET A 366 17.83 13.68 8.74
N SER A 367 17.35 14.79 8.17
CA SER A 367 17.96 16.11 8.38
C SER A 367 17.63 16.70 9.75
N GLY A 368 16.46 16.32 10.26
CA GLY A 368 15.85 16.90 11.45
C GLY A 368 14.78 16.02 12.04
N PHE A 369 14.46 16.27 13.31
CA PHE A 369 13.40 15.56 14.03
C PHE A 369 12.84 16.53 15.06
N VAL A 370 11.59 16.93 14.84
CA VAL A 370 10.88 17.77 15.79
C VAL A 370 9.60 17.10 16.24
N THR A 371 9.21 17.36 17.49
CA THR A 371 7.96 16.84 18.05
C THR A 371 6.87 17.92 17.98
N ASN A 372 5.67 17.54 17.51
CA ASN A 372 4.48 18.37 17.61
C ASN A 372 3.80 17.99 18.93
N PRO A 373 3.80 18.93 19.90
CA PRO A 373 3.40 18.64 21.28
C PRO A 373 1.91 18.85 21.53
N MET A 374 1.44 18.62 22.76
CA MET A 374 0.07 18.98 23.12
C MET A 374 -0.04 20.50 23.35
N GLU A 375 -1.27 21.01 23.27
CA GLU A 375 -1.54 22.39 23.66
C GLU A 375 -1.19 22.61 25.13
N HIS A 376 -1.03 21.49 25.87
CA HIS A 376 -0.59 21.52 27.27
C HIS A 376 0.93 21.54 27.27
N ALA A 377 1.51 22.72 27.41
CA ALA A 377 2.96 22.91 27.23
C ALA A 377 3.83 22.17 28.26
N GLU A 378 3.58 22.38 29.55
CA GLU A 378 4.36 21.69 30.60
C GLU A 378 4.21 20.15 30.56
N SER A 379 2.98 19.68 30.35
CA SER A 379 2.69 18.24 30.24
C SER A 379 3.50 17.56 29.13
N SER A 380 3.74 18.30 28.04
CA SER A 380 4.46 17.89 26.83
C SER A 380 5.93 17.69 27.08
N LYS A 381 6.44 18.22 28.19
CA LYS A 381 7.87 18.13 28.48
C LYS A 381 8.36 16.69 28.73
N ILE A 382 7.46 15.80 29.16
CA ILE A 382 7.81 14.40 29.32
C ILE A 382 8.31 13.84 27.95
N ALA A 383 7.48 14.04 26.94
CA ALA A 383 7.80 13.60 25.57
C ALA A 383 8.94 14.42 24.95
N ILE A 384 8.92 15.74 25.15
CA ILE A 384 9.94 16.62 24.58
C ILE A 384 11.35 16.25 25.08
N TYR A 385 11.51 16.08 26.40
CA TYR A 385 12.76 15.60 26.99
C TYR A 385 13.22 14.27 26.35
N SER A 386 12.26 13.38 26.06
CA SER A 386 12.57 12.07 25.48
C SER A 386 12.97 12.16 23.99
N VAL A 387 12.26 12.99 23.24
CA VAL A 387 12.64 13.29 21.88
C VAL A 387 14.02 13.93 21.82
N ALA A 388 14.34 14.84 22.76
CA ALA A 388 15.68 15.47 22.83
C ALA A 388 16.79 14.39 22.98
N SER A 389 16.51 13.42 23.84
CA SER A 389 17.43 12.29 24.10
C SER A 389 17.51 11.37 22.87
N TYR A 390 16.36 11.07 22.26
CA TYR A 390 16.32 10.20 21.12
C TYR A 390 17.08 10.83 19.94
N ALA A 391 16.74 12.06 19.58
CA ALA A 391 17.37 12.74 18.43
C ALA A 391 18.87 13.03 18.56
N TRP A 392 19.37 13.29 19.79
CA TRP A 392 20.81 13.48 20.05
C TRP A 392 21.58 12.14 19.97
N ASN A 393 21.08 11.10 20.65
CA ASN A 393 21.71 9.78 20.64
C ASN A 393 20.70 8.63 20.39
N PRO A 394 20.23 8.48 19.16
CA PRO A 394 19.25 7.42 18.93
C PRO A 394 19.76 6.01 19.28
N ALA A 395 21.03 5.74 18.97
CA ALA A 395 21.60 4.38 19.16
C ALA A 395 21.47 3.94 20.60
N LYS A 396 21.70 4.87 21.53
CA LYS A 396 21.58 4.59 22.97
C LYS A 396 20.21 4.95 23.57
N TYR A 397 19.23 5.25 22.72
CA TYR A 397 17.92 5.68 23.23
C TYR A 397 17.19 4.59 24.05
N ASP A 398 16.82 4.92 25.29
CA ASP A 398 16.18 3.98 26.22
C ASP A 398 14.79 4.53 26.56
N THR A 399 13.75 3.96 25.96
CA THR A 399 12.38 4.43 26.15
C THR A 399 12.01 4.73 27.62
N TRP A 400 11.99 3.69 28.45
CA TRP A 400 11.47 3.81 29.81
C TRP A 400 12.40 4.59 30.73
N GLN A 401 13.71 4.40 30.60
CA GLN A 401 14.64 5.14 31.48
C GLN A 401 14.49 6.64 31.27
N THR A 402 14.36 7.03 30.01
CA THR A 402 14.27 8.45 29.63
C THR A 402 12.95 9.06 30.10
N TRP A 403 11.83 8.34 29.93
CA TRP A 403 10.53 8.71 30.54
C TRP A 403 10.66 8.98 32.06
N LYS A 404 11.23 8.03 32.78
CA LYS A 404 11.47 8.20 34.22
C LYS A 404 12.36 9.42 34.52
N ASP A 405 13.46 9.57 33.75
CA ASP A 405 14.37 10.74 33.88
C ASP A 405 13.64 12.05 33.58
N ALA A 406 12.77 12.03 32.57
CA ALA A 406 11.98 13.20 32.19
C ALA A 406 11.12 13.63 33.39
N ILE A 407 10.29 12.70 33.87
CA ILE A 407 9.41 12.94 35.02
C ILE A 407 10.14 13.41 36.28
N ARG A 408 11.26 12.79 36.60
CA ARG A 408 12.05 13.16 37.79
C ARG A 408 12.70 14.56 37.64
N THR A 409 12.97 14.97 36.40
CA THR A 409 13.50 16.31 36.12
C THR A 409 12.41 17.41 36.22
N ILE A 410 11.22 17.08 35.75
CA ILE A 410 10.11 18.02 35.70
C ILE A 410 9.49 18.19 37.09
N LEU A 411 9.38 17.09 37.84
CA LEU A 411 8.73 17.17 39.15
C LEU A 411 9.46 16.31 40.18
N PRO A 412 10.68 16.75 40.58
CA PRO A 412 11.50 15.97 41.51
C PRO A 412 10.85 15.75 42.89
N SER A 413 10.05 16.71 43.36
CA SER A 413 9.35 16.64 44.66
C SER A 413 8.24 15.62 44.68
N ALA A 414 7.69 15.27 43.53
CA ALA A 414 6.69 14.23 43.50
C ALA A 414 6.80 13.36 42.24
N ALA A 415 7.99 12.80 41.99
CA ALA A 415 8.23 12.03 40.76
C ALA A 415 7.40 10.73 40.68
N GLU A 416 7.29 10.00 41.79
CA GLU A 416 6.57 8.74 41.81
C GLU A 416 5.07 8.90 41.61
N GLU A 417 4.52 9.97 42.20
CA GLU A 417 3.13 10.37 41.97
C GLU A 417 2.89 10.74 40.49
N LEU A 418 3.82 11.50 39.90
CA LEU A 418 3.66 11.89 38.48
C LEU A 418 3.80 10.65 37.58
N GLU A 419 4.75 9.76 37.88
CA GLU A 419 4.83 8.45 37.20
C GLU A 419 3.53 7.68 37.26
N CYS A 420 2.94 7.59 38.47
CA CYS A 420 1.66 6.90 38.65
C CYS A 420 0.57 7.53 37.75
N PHE A 421 0.39 8.84 37.83
CA PHE A 421 -0.57 9.53 36.97
C PHE A 421 -0.28 9.30 35.47
N ALA A 422 0.97 9.53 35.04
CA ALA A 422 1.36 9.44 33.62
C ALA A 422 1.20 8.04 33.01
N MET A 423 1.51 7.01 33.79
CA MET A 423 1.42 5.62 33.32
C MET A 423 -0.02 5.21 32.95
N HIS A 424 -1.00 5.83 33.60
CA HIS A 424 -2.41 5.55 33.32
C HIS A 424 -3.09 6.63 32.46
N ASN A 425 -2.28 7.45 31.80
CA ASN A 425 -2.73 8.56 30.98
C ASN A 425 -1.77 8.67 29.80
N SER A 426 -1.88 7.69 28.91
CA SER A 426 -0.89 7.33 27.91
C SER A 426 -1.57 7.11 26.57
N ASP A 427 -2.65 6.33 26.58
CA ASP A 427 -3.37 5.97 25.37
C ASP A 427 -4.25 7.13 24.90
N LEU A 428 -4.61 7.09 23.62
CA LEU A 428 -5.45 8.09 22.97
C LEU A 428 -6.91 7.68 22.85
N GLY A 429 -7.21 6.41 23.10
CA GLY A 429 -8.54 5.86 22.82
C GLY A 429 -8.70 5.70 21.30
N PRO A 430 -9.77 5.04 20.85
CA PRO A 430 -10.02 4.99 19.40
C PRO A 430 -10.10 6.39 18.77
N ASN A 431 -9.55 6.50 17.56
CA ASN A 431 -9.52 7.78 16.85
C ASN A 431 -9.44 7.59 15.34
N GLY A 432 -9.81 8.64 14.60
CA GLY A 432 -9.76 8.63 13.15
C GLY A 432 -8.38 8.44 12.53
N HIS A 433 -7.32 8.53 13.34
CA HIS A 433 -5.95 8.33 12.85
C HIS A 433 -5.39 6.93 13.09
N GLY A 434 -6.15 6.07 13.78
CA GLY A 434 -5.72 4.71 14.12
C GLY A 434 -4.45 4.62 14.96
N TYR A 435 -4.07 5.71 15.65
CA TYR A 435 -2.85 5.71 16.45
C TYR A 435 -3.14 5.47 17.91
N ARG A 436 -2.37 4.56 18.52
CA ARG A 436 -2.58 4.16 19.91
C ARG A 436 -1.26 4.04 20.64
N ARG A 437 -1.29 4.16 21.97
CA ARG A 437 -0.14 3.87 22.77
C ARG A 437 -0.54 2.89 23.88
N GLU A 438 0.42 2.15 24.42
CA GLU A 438 0.18 1.30 25.59
C GLU A 438 -0.11 2.13 26.82
N GLU A 439 -0.75 1.50 27.79
CA GLU A 439 -1.16 2.19 29.00
C GLU A 439 -1.45 1.13 30.04
N SER A 440 -1.05 1.41 31.29
CA SER A 440 -1.40 0.56 32.44
C SER A 440 -0.88 -0.89 32.26
N MET A 441 0.30 -1.03 31.65
CA MET A 441 0.87 -2.33 31.24
CA MET A 441 0.78 -2.34 31.24
C MET A 441 1.17 -3.28 32.39
N ASP A 442 1.67 -2.71 33.48
CA ASP A 442 2.06 -3.50 34.65
C ASP A 442 0.90 -4.33 35.25
N ILE A 443 -0.29 -3.72 35.35
CA ILE A 443 -1.46 -4.36 35.97
C ILE A 443 -2.37 -5.06 34.97
N GLN A 444 -2.07 -4.94 33.67
CA GLN A 444 -2.91 -5.49 32.62
C GLN A 444 -3.19 -7.00 32.71
N PRO A 445 -2.15 -7.82 33.01
CA PRO A 445 -2.39 -9.27 33.25
C PRO A 445 -3.27 -9.57 34.48
N ALA A 446 -2.94 -8.98 35.63
CA ALA A 446 -3.85 -9.04 36.80
C ALA A 446 -5.30 -8.65 36.47
N ALA A 447 -5.47 -7.58 35.69
CA ALA A 447 -6.81 -7.12 35.31
C ALA A 447 -7.50 -8.15 34.42
N GLU A 448 -6.77 -8.63 33.42
CA GLU A 448 -7.28 -9.58 32.44
C GLU A 448 -7.75 -10.88 33.12
N ARG A 449 -6.94 -11.37 34.05
CA ARG A 449 -7.21 -12.59 34.82
C ARG A 449 -8.39 -12.44 35.78
N PHE A 450 -8.45 -11.29 36.45
CA PHE A 450 -9.55 -10.95 37.33
C PHE A 450 -10.87 -10.96 36.57
N LEU A 451 -10.91 -10.26 35.44
CA LEU A 451 -12.14 -10.11 34.67
C LEU A 451 -12.52 -11.40 33.89
N LYS A 452 -11.51 -12.16 33.47
CA LYS A 452 -11.72 -13.45 32.81
C LYS A 452 -12.43 -14.40 33.78
N ALA A 453 -11.95 -14.47 35.03
CA ALA A 453 -12.57 -15.28 36.07
C ALA A 453 -14.07 -14.99 36.25
N PHE A 454 -14.48 -13.74 36.10
CA PHE A 454 -15.90 -13.38 36.23
C PHE A 454 -16.78 -13.83 35.05
N LYS A 455 -16.41 -13.45 33.83
CA LYS A 455 -17.21 -13.76 32.63
C LYS A 455 -17.43 -15.26 32.41
N GLU A 456 -16.38 -16.04 32.68
CA GLU A 456 -16.50 -17.50 32.73
C GLU A 456 -16.32 -18.02 34.17
N GLY A 457 -17.45 -18.29 34.82
CA GLY A 457 -17.48 -19.02 36.10
C GLY A 457 -16.93 -18.26 37.27
N LYS A 458 -15.67 -18.56 37.61
CA LYS A 458 -14.89 -17.97 38.72
C LYS A 458 -13.81 -18.97 39.14
N ASN A 459 -12.99 -18.70 40.16
CA ASN A 459 -12.87 -17.40 40.86
C ASN A 459 -11.45 -16.83 40.85
N TYR A 460 -11.37 -15.51 41.04
CA TYR A 460 -10.13 -14.75 40.93
C TYR A 460 -9.08 -15.13 41.97
N ASP A 461 -7.82 -14.80 41.66
CA ASP A 461 -6.71 -14.89 42.61
C ASP A 461 -6.76 -13.69 43.55
N LYS A 462 -6.50 -13.97 44.82
CA LYS A 462 -6.44 -12.95 45.86
C LYS A 462 -5.39 -11.88 45.52
N ALA A 463 -4.22 -12.30 45.06
CA ALA A 463 -3.11 -11.39 44.76
C ALA A 463 -3.47 -10.37 43.65
N ASP A 464 -4.39 -10.75 42.78
CA ASP A 464 -4.87 -9.85 41.73
C ASP A 464 -5.82 -8.78 42.27
N PHE A 465 -6.87 -9.22 42.98
CA PHE A 465 -7.77 -8.32 43.72
C PHE A 465 -6.98 -7.30 44.54
N GLU A 466 -5.91 -7.78 45.17
CA GLU A 466 -5.00 -6.97 45.99
C GLU A 466 -4.14 -6.00 45.17
N THR A 467 -3.76 -6.41 43.96
CA THR A 467 -3.01 -5.55 43.03
C THR A 467 -3.91 -4.41 42.54
N LEU A 468 -5.17 -4.74 42.25
CA LEU A 468 -6.15 -3.73 41.86
C LEU A 468 -6.36 -2.74 43.01
N GLN A 469 -6.60 -3.28 44.20
CA GLN A 469 -6.70 -2.48 45.40
C GLN A 469 -5.49 -1.58 45.68
N TYR A 470 -4.29 -2.10 45.50
CA TYR A 470 -3.06 -1.33 45.71
C TYR A 470 -2.98 -0.16 44.72
N THR A 471 -3.42 -0.42 43.49
CA THR A 471 -3.37 0.52 42.36
C THR A 471 -4.31 1.70 42.62
N PHE A 472 -5.53 1.39 43.05
CA PHE A 472 -6.52 2.44 43.35
C PHE A 472 -6.04 3.31 44.51
N GLU A 473 -5.46 2.67 45.52
CA GLU A 473 -4.90 3.41 46.65
C GLU A 473 -3.80 4.36 46.20
N ARG A 474 -2.87 3.86 45.40
CA ARG A 474 -1.74 4.63 44.92
C ARG A 474 -2.23 5.77 44.01
N MET A 475 -3.27 5.51 43.21
CA MET A 475 -3.84 6.54 42.34
C MET A 475 -4.39 7.72 43.15
N LYS A 476 -4.99 7.46 44.33
CA LYS A 476 -5.51 8.53 45.22
C LYS A 476 -4.44 9.37 45.92
N GLU A 477 -3.36 8.73 46.39
CA GLU A 477 -2.24 9.43 46.98
C GLU A 477 -1.64 10.32 45.92
N SER A 478 -1.41 9.74 44.74
CA SER A 478 -0.84 10.47 43.59
C SER A 478 -1.72 11.70 43.19
N ALA A 479 -3.01 11.49 42.97
CA ALA A 479 -3.95 12.59 42.68
C ALA A 479 -3.90 13.73 43.71
N ASP A 480 -3.96 13.38 45.00
CA ASP A 480 -4.07 14.44 46.02
C ASP A 480 -2.77 15.24 46.21
N ILE A 481 -1.63 14.55 46.13
CA ILE A 481 -0.29 15.15 46.24
C ILE A 481 0.04 16.06 45.03
N LEU A 482 -0.32 15.60 43.83
CA LEU A 482 -0.15 16.42 42.63
C LEU A 482 -1.00 17.70 42.66
N LEU A 483 -2.26 17.58 43.07
CA LEU A 483 -3.17 18.73 43.19
C LEU A 483 -2.57 19.82 44.03
N MET A 484 -1.86 19.39 45.06
CA MET A 484 -1.33 20.30 46.07
C MET A 484 0.11 20.72 45.83
N ASN A 485 0.71 20.18 44.77
CA ASN A 485 2.13 20.43 44.51
C ASN A 485 2.37 21.84 43.94
N THR A 486 3.37 22.52 44.48
CA THR A 486 3.66 23.91 44.15
C THR A 486 5.02 24.13 43.47
N GLU A 487 5.71 23.04 43.08
CA GLU A 487 7.03 23.15 42.43
C GLU A 487 6.87 23.51 40.96
N ASN A 488 5.91 22.90 40.29
CA ASN A 488 5.57 23.33 38.95
C ASN A 488 4.08 23.62 38.89
N LYS A 489 3.72 24.85 39.24
CA LYS A 489 2.31 25.22 39.32
C LYS A 489 1.67 25.16 37.94
N PRO A 490 2.34 25.71 36.89
CA PRO A 490 1.79 25.62 35.51
C PRO A 490 1.40 24.20 35.06
N LEU A 491 2.24 23.22 35.40
CA LEU A 491 1.94 21.81 35.11
C LEU A 491 0.67 21.34 35.84
N ILE A 492 0.57 21.64 37.12
CA ILE A 492 -0.59 21.19 37.90
C ILE A 492 -1.87 21.82 37.38
N VAL A 493 -1.80 23.10 37.03
CA VAL A 493 -2.95 23.79 36.44
C VAL A 493 -3.39 23.02 35.18
N GLU A 494 -2.43 22.63 34.33
CA GLU A 494 -2.75 21.94 33.06
C GLU A 494 -3.50 20.62 33.29
N ILE A 495 -3.00 19.80 34.23
CA ILE A 495 -3.47 18.42 34.39
C ILE A 495 -4.63 18.32 35.37
N THR A 496 -4.82 19.36 36.19
CA THR A 496 -5.80 19.34 37.29
C THR A 496 -7.18 18.72 36.96
N PRO A 497 -7.84 19.13 35.86
CA PRO A 497 -9.11 18.46 35.53
C PRO A 497 -8.98 16.93 35.43
N TRP A 498 -7.92 16.45 34.78
CA TRP A 498 -7.66 15.02 34.65
C TRP A 498 -7.30 14.37 35.98
N VAL A 499 -6.61 15.10 36.84
CA VAL A 499 -6.27 14.62 38.17
C VAL A 499 -7.52 14.37 39.05
N HIS A 500 -8.55 15.24 38.92
CA HIS A 500 -9.82 15.04 39.62
C HIS A 500 -10.53 13.80 39.10
N GLN A 501 -10.54 13.63 37.80
CA GLN A 501 -11.22 12.52 37.16
C GLN A 501 -10.53 11.19 37.52
N PHE A 502 -9.20 11.24 37.59
CA PHE A 502 -8.32 10.12 37.97
C PHE A 502 -8.55 9.69 39.41
N LYS A 503 -8.74 10.67 40.31
CA LYS A 503 -9.03 10.33 41.73
C LYS A 503 -10.38 9.60 41.84
N LEU A 504 -11.38 10.12 41.14
CA LEU A 504 -12.72 9.57 41.13
C LEU A 504 -12.74 8.16 40.53
N THR A 505 -11.99 7.97 39.44
CA THR A 505 -11.77 6.64 38.87
C THR A 505 -11.29 5.66 39.93
N ALA A 506 -10.26 6.05 40.71
CA ALA A 506 -9.69 5.22 41.76
C ALA A 506 -10.70 4.88 42.89
N GLU A 507 -11.41 5.91 43.38
CA GLU A 507 -12.47 5.73 44.37
C GLU A 507 -13.60 4.80 43.85
N MET A 508 -14.03 4.98 42.60
CA MET A 508 -15.02 4.07 42.01
C MET A 508 -14.50 2.64 42.00
N GLY A 509 -13.23 2.48 41.58
CA GLY A 509 -12.52 1.20 41.65
C GLY A 509 -12.55 0.57 43.05
N GLU A 510 -12.20 1.35 44.07
CA GLU A 510 -12.24 0.83 45.43
C GLU A 510 -13.64 0.39 45.83
N GLU A 511 -14.64 1.18 45.47
CA GLU A 511 -16.04 0.88 45.82
C GLU A 511 -16.56 -0.37 45.11
N VAL A 512 -16.27 -0.49 43.82
CA VAL A 512 -16.64 -1.68 43.01
C VAL A 512 -16.01 -2.96 43.58
N LEU A 513 -14.77 -2.87 44.07
CA LEU A 513 -14.08 -4.02 44.68
C LEU A 513 -14.69 -4.40 46.05
N LYS A 514 -15.24 -3.42 46.73
CA LYS A 514 -16.03 -3.72 47.93
C LYS A 514 -17.35 -4.41 47.56
N MET A 515 -17.87 -4.16 46.37
CA MET A 515 -19.08 -4.81 45.90
C MET A 515 -18.83 -6.29 45.53
N VAL A 516 -17.64 -6.57 45.01
CA VAL A 516 -17.16 -7.94 44.77
C VAL A 516 -17.12 -8.72 46.08
N GLU A 517 -16.49 -8.14 47.08
CA GLU A 517 -16.43 -8.69 48.42
C GLU A 517 -17.78 -8.74 49.16
N GLY A 518 -18.82 -8.16 48.55
CA GLY A 518 -20.18 -8.06 49.10
C GLY A 518 -20.52 -8.99 50.26
N ARG A 519 -20.41 -8.47 51.47
CA ARG A 519 -20.66 -9.27 52.65
C ARG A 519 -22.15 -9.52 52.89
N ASN A 520 -22.97 -8.49 52.69
CA ASN A 520 -24.42 -8.60 52.86
C ASN A 520 -25.19 -7.68 51.91
N GLU A 521 -26.52 -7.79 51.91
CA GLU A 521 -27.35 -7.04 50.96
C GLU A 521 -27.23 -5.53 51.16
N SER A 522 -27.31 -5.07 52.41
CA SER A 522 -27.34 -3.64 52.66
C SER A 522 -25.97 -2.98 52.50
N TYR A 523 -24.91 -3.74 52.78
CA TYR A 523 -23.56 -3.24 52.53
C TYR A 523 -23.35 -3.03 51.04
N PHE A 524 -23.75 -4.02 50.26
CA PHE A 524 -23.69 -3.96 48.81
C PHE A 524 -24.47 -2.79 48.25
N LEU A 525 -25.65 -2.51 48.81
CA LEU A 525 -26.45 -1.38 48.36
C LEU A 525 -25.79 -0.06 48.73
N ARG A 526 -25.10 -0.02 49.86
CA ARG A 526 -24.36 1.18 50.23
C ARG A 526 -23.24 1.45 49.24
N LYS A 527 -22.49 0.40 48.89
CA LYS A 527 -21.46 0.48 47.85
C LYS A 527 -22.04 0.83 46.49
N TYR A 528 -23.10 0.16 46.08
CA TYR A 528 -23.79 0.46 44.84
C TYR A 528 -24.21 1.92 44.74
N ASN A 529 -24.79 2.47 45.79
CA ASN A 529 -25.23 3.85 45.76
C ASN A 529 -24.06 4.81 45.72
N HIS A 530 -22.97 4.45 46.38
CA HIS A 530 -21.77 5.27 46.32
C HIS A 530 -21.20 5.32 44.92
N VAL A 531 -21.18 4.17 44.21
CA VAL A 531 -20.68 4.09 42.83
C VAL A 531 -21.48 4.96 41.87
N LYS A 532 -22.81 4.87 41.93
CA LYS A 532 -23.69 5.77 41.17
C LYS A 532 -23.34 7.24 41.42
N ALA A 533 -23.16 7.64 42.69
CA ALA A 533 -22.75 9.03 43.01
C ALA A 533 -21.39 9.40 42.39
N LEU A 534 -20.44 8.48 42.44
CA LEU A 534 -19.14 8.69 41.80
C LEU A 534 -19.23 8.80 40.27
N GLN A 535 -20.10 8.01 39.65
CA GLN A 535 -20.38 8.10 38.21
C GLN A 535 -20.96 9.46 37.80
N GLN A 536 -21.84 10.00 38.65
CA GLN A 536 -22.43 11.31 38.39
C GLN A 536 -21.37 12.40 38.57
N GLN A 537 -20.47 12.21 39.54
CA GLN A 537 -19.38 13.19 39.71
C GLN A 537 -18.41 13.23 38.53
N MET A 538 -18.13 12.05 37.98
CA MET A 538 -17.30 11.96 36.77
C MET A 538 -17.98 12.60 35.57
N PHE A 539 -19.29 12.38 35.43
CA PHE A 539 -20.11 13.01 34.41
C PHE A 539 -20.06 14.53 34.47
N TYR A 540 -20.21 15.11 35.67
CA TYR A 540 -20.11 16.57 35.88
CA TYR A 540 -20.14 16.54 35.77
C TYR A 540 -18.77 17.14 35.43
N ILE A 541 -17.67 16.50 35.84
CA ILE A 541 -16.35 16.93 35.34
C ILE A 541 -16.30 16.84 33.79
N ASP A 542 -16.84 15.77 33.21
CA ASP A 542 -16.75 15.55 31.77
C ASP A 542 -17.51 16.64 31.00
N GLN A 543 -18.47 17.28 31.66
CA GLN A 543 -19.31 18.30 31.04
C GLN A 543 -18.93 19.72 31.45
N THR A 544 -18.08 19.86 32.46
CA THR A 544 -17.69 21.21 32.89
C THR A 544 -16.25 21.59 32.53
N SER A 545 -15.36 20.59 32.51
CA SER A 545 -13.97 20.85 32.23
C SER A 545 -13.67 20.62 30.75
N ASN A 546 -12.72 21.42 30.23
CA ASN A 546 -12.17 21.22 28.90
C ASN A 546 -13.26 21.10 27.83
N GLN A 547 -14.18 22.05 27.83
CA GLN A 547 -15.31 22.02 26.92
C GLN A 547 -15.00 22.67 25.57
N ASN A 548 -14.11 22.04 24.82
CA ASN A 548 -13.70 22.51 23.51
C ASN A 548 -14.69 21.98 22.46
N PRO A 549 -14.71 22.59 21.23
CA PRO A 549 -15.70 22.20 20.22
C PRO A 549 -15.52 20.81 19.63
N TYR A 550 -14.40 20.16 19.92
CA TYR A 550 -14.01 18.99 19.11
C TYR A 550 -14.12 17.64 19.82
N GLN A 551 -13.40 17.51 20.94
CA GLN A 551 -13.54 16.33 21.83
C GLN A 551 -13.59 16.91 23.25
N PRO A 552 -14.78 17.39 23.68
CA PRO A 552 -14.79 18.06 24.97
C PRO A 552 -14.71 17.06 26.11
N GLY A 553 -14.26 17.54 27.27
CA GLY A 553 -14.32 16.76 28.49
C GLY A 553 -12.98 16.16 28.92
N VAL A 554 -13.08 15.14 29.74
CA VAL A 554 -11.94 14.67 30.52
C VAL A 554 -12.04 13.16 30.66
N LYS A 555 -11.20 12.45 29.89
CA LYS A 555 -11.07 11.00 29.98
C LYS A 555 -9.71 10.64 30.57
N THR A 556 -9.69 9.58 31.36
CA THR A 556 -8.48 9.17 32.08
C THR A 556 -8.48 7.64 32.30
N ALA A 557 -7.28 7.04 32.35
CA ALA A 557 -7.12 5.59 32.64
C ALA A 557 -8.09 4.74 31.80
N THR A 558 -8.15 5.10 30.51
CA THR A 558 -9.19 4.60 29.63
C THR A 558 -8.88 3.23 29.04
N ARG A 559 -7.61 2.88 28.97
CA ARG A 559 -7.24 1.64 28.27
C ARG A 559 -7.59 0.38 29.06
N VAL A 560 -7.19 0.34 30.31
CA VAL A 560 -7.31 -0.87 31.12
C VAL A 560 -8.21 -0.62 32.32
N ILE A 561 -7.92 0.45 33.06
CA ILE A 561 -8.55 0.62 34.37
C ILE A 561 -10.05 0.90 34.30
N LYS A 562 -10.48 1.84 33.47
CA LYS A 562 -11.90 2.22 33.41
C LYS A 562 -12.77 1.09 32.84
N PRO A 563 -12.32 0.43 31.73
CA PRO A 563 -13.02 -0.78 31.26
C PRO A 563 -13.18 -1.86 32.32
N LEU A 564 -12.13 -2.14 33.10
CA LEU A 564 -12.18 -3.14 34.16
C LEU A 564 -13.19 -2.81 35.25
N ILE A 565 -13.15 -1.58 35.75
CA ILE A 565 -14.09 -1.08 36.77
C ILE A 565 -15.54 -1.17 36.29
N ASP A 566 -15.77 -0.67 35.08
CA ASP A 566 -17.09 -0.64 34.46
C ASP A 566 -17.65 -2.04 34.23
N ARG A 567 -16.80 -2.94 33.73
CA ARG A 567 -17.21 -4.33 33.49
C ARG A 567 -17.44 -5.11 34.77
N THR A 568 -16.60 -4.89 35.78
CA THR A 568 -16.78 -5.53 37.08
C THR A 568 -18.07 -5.04 37.71
N PHE A 569 -18.28 -3.72 37.71
CA PHE A 569 -19.54 -3.16 38.21
C PHE A 569 -20.76 -3.83 37.55
N ALA A 570 -20.79 -3.88 36.22
CA ALA A 570 -21.91 -4.48 35.47
C ALA A 570 -22.14 -5.93 35.83
N THR A 571 -21.04 -6.64 36.11
CA THR A 571 -21.03 -8.08 36.44
C THR A 571 -21.61 -8.34 37.84
N VAL A 572 -21.04 -7.69 38.86
CA VAL A 572 -21.53 -7.88 40.21
C VAL A 572 -22.98 -7.37 40.41
N VAL A 573 -23.41 -6.45 39.57
CA VAL A 573 -24.79 -5.98 39.61
C VAL A 573 -25.69 -7.07 39.03
N LYS A 574 -25.24 -7.67 37.92
CA LYS A 574 -25.89 -8.81 37.30
C LYS A 574 -26.07 -9.94 38.33
N PHE A 575 -24.98 -10.32 39.01
CA PHE A 575 -25.02 -11.39 40.02
C PHE A 575 -25.97 -11.06 41.17
N PHE A 576 -25.84 -9.86 41.74
CA PHE A 576 -26.74 -9.38 42.80
C PHE A 576 -28.20 -9.47 42.37
N ASN A 577 -28.51 -8.97 41.18
CA ASN A 577 -29.88 -8.99 40.65
C ASN A 577 -30.45 -10.40 40.48
N GLN A 578 -29.59 -11.37 40.15
CA GLN A 578 -29.98 -12.78 40.12
C GLN A 578 -30.21 -13.30 41.53
N LYS A 579 -29.23 -13.06 42.39
CA LYS A 579 -29.20 -13.60 43.74
C LYS A 579 -30.35 -13.10 44.61
N PHE A 580 -30.69 -11.82 44.46
CA PHE A 580 -31.69 -11.18 45.32
C PHE A 580 -32.97 -10.83 44.56
N ASN A 581 -33.15 -11.38 43.37
CA ASN A 581 -34.29 -11.03 42.52
C ASN A 581 -34.53 -9.52 42.55
N ALA A 582 -33.46 -8.78 42.25
CA ALA A 582 -33.49 -7.32 42.26
C ALA A 582 -33.41 -6.76 40.84
N HIS A 583 -33.62 -5.45 40.71
CA HIS A 583 -33.63 -4.81 39.40
C HIS A 583 -32.81 -3.52 39.41
N LEU A 584 -31.63 -3.59 40.03
CA LEU A 584 -30.69 -2.46 40.02
C LEU A 584 -30.17 -2.17 38.61
N ASP A 585 -30.05 -0.88 38.30
CA ASP A 585 -29.42 -0.39 37.06
C ASP A 585 -27.90 -0.70 37.00
N ALA A 586 -27.52 -1.47 35.98
CA ALA A 586 -26.13 -1.89 35.76
C ALA A 586 -25.32 -0.96 34.84
N THR A 587 -25.94 0.11 34.35
CA THR A 587 -25.25 1.01 33.40
C THR A 587 -24.13 1.78 34.10
N THR A 588 -23.09 2.10 33.34
CA THR A 588 -21.79 2.48 33.92
C THR A 588 -21.41 3.95 33.75
N ASP A 589 -22.01 4.62 32.80
CA ASP A 589 -21.83 6.06 32.71
C ASP A 589 -23.12 6.77 33.09
N TYR A 590 -23.01 7.78 33.97
CA TYR A 590 -24.18 8.56 34.35
C TYR A 590 -24.75 9.33 33.16
N MET A 591 -26.03 9.12 32.91
CA MET A 591 -26.78 9.86 31.91
C MET A 591 -28.01 10.49 32.55
N PRO A 592 -28.06 11.84 32.62
CA PRO A 592 -29.21 12.51 33.23
C PRO A 592 -30.50 12.31 32.41
N HIS A 593 -30.35 12.32 31.08
CA HIS A 593 -31.45 12.05 30.15
C HIS A 593 -31.43 10.58 29.74
N SER B 4 -16.59 -33.52 -24.56
CA SER B 4 -17.11 -32.58 -23.54
C SER B 4 -18.32 -31.77 -24.08
N LEU B 5 -19.02 -31.07 -23.19
CA LEU B 5 -19.69 -29.81 -23.53
C LEU B 5 -18.80 -28.74 -22.90
N GLN B 6 -18.46 -27.70 -23.67
CA GLN B 6 -17.71 -26.57 -23.14
C GLN B 6 -18.34 -25.21 -23.52
N PRO B 7 -18.70 -24.38 -22.51
CA PRO B 7 -18.59 -24.68 -21.07
C PRO B 7 -19.57 -25.80 -20.64
N PRO B 8 -19.24 -26.56 -19.59
CA PRO B 8 -20.15 -27.61 -19.08
C PRO B 8 -21.43 -27.00 -18.52
N PRO B 9 -22.58 -27.58 -18.87
CA PRO B 9 -23.86 -27.02 -18.40
C PRO B 9 -24.02 -27.13 -16.88
N GLN B 10 -24.86 -26.28 -16.33
CA GLN B 10 -25.16 -26.29 -14.90
C GLN B 10 -25.76 -27.61 -14.49
N GLN B 11 -26.71 -28.09 -15.28
CA GLN B 11 -27.43 -29.33 -14.99
C GLN B 11 -27.55 -30.10 -16.30
N LEU B 12 -27.17 -31.36 -16.26
CA LEU B 12 -27.23 -32.23 -17.42
C LEU B 12 -27.62 -33.64 -17.00
N ILE B 13 -28.71 -34.13 -17.59
CA ILE B 13 -29.19 -35.51 -17.44
C ILE B 13 -29.11 -36.18 -18.82
N VAL B 14 -28.25 -37.20 -18.92
CA VAL B 14 -28.08 -37.93 -20.18
C VAL B 14 -28.75 -39.30 -20.07
N GLN B 15 -29.70 -39.58 -20.95
CA GLN B 15 -30.20 -40.94 -21.13
C GLN B 15 -29.21 -41.62 -22.06
N ASN B 16 -29.01 -42.92 -21.88
CA ASN B 16 -28.07 -43.62 -22.73
C ASN B 16 -28.80 -44.23 -23.93
N LYS B 17 -29.34 -43.31 -24.73
CA LYS B 17 -30.05 -43.56 -25.98
C LYS B 17 -29.56 -42.51 -26.99
N THR B 18 -29.58 -42.85 -28.27
CA THR B 18 -29.24 -41.87 -29.31
C THR B 18 -30.38 -41.76 -30.32
N ILE B 19 -30.62 -40.54 -30.81
CA ILE B 19 -31.56 -40.35 -31.90
C ILE B 19 -30.85 -39.75 -33.10
N ASP B 20 -31.37 -40.02 -34.29
CA ASP B 20 -30.85 -39.38 -35.49
C ASP B 20 -31.45 -38.01 -35.57
N LEU B 21 -30.65 -37.05 -36.02
CA LEU B 21 -31.15 -35.72 -36.35
C LEU B 21 -32.18 -35.90 -37.48
N PRO B 22 -33.40 -35.33 -37.31
CA PRO B 22 -34.39 -35.38 -38.38
C PRO B 22 -33.88 -34.61 -39.62
N ALA B 23 -33.70 -35.27 -40.77
CA ALA B 23 -34.50 -36.40 -41.27
C ALA B 23 -35.67 -35.71 -41.95
N VAL B 24 -36.83 -35.72 -41.31
CA VAL B 24 -37.92 -34.83 -41.70
C VAL B 24 -38.41 -34.12 -40.45
N TYR B 25 -38.35 -32.80 -40.47
CA TYR B 25 -38.63 -32.01 -39.27
C TYR B 25 -39.70 -30.93 -39.50
N GLN B 26 -40.41 -30.63 -38.42
CA GLN B 26 -41.40 -29.57 -38.36
C GLN B 26 -40.79 -28.47 -37.48
N LEU B 27 -40.36 -27.36 -38.07
CA LEU B 27 -39.83 -26.24 -37.30
C LEU B 27 -40.93 -25.39 -36.68
N ASN B 28 -40.85 -25.20 -35.36
CA ASN B 28 -41.82 -24.41 -34.61
C ASN B 28 -41.08 -23.27 -33.90
N GLY B 29 -41.43 -22.03 -34.24
CA GLY B 29 -40.81 -20.84 -33.66
C GLY B 29 -39.70 -20.13 -34.45
N GLY B 30 -39.38 -20.63 -35.64
CA GLY B 30 -38.34 -20.03 -36.50
C GLY B 30 -38.49 -18.54 -36.79
N GLU B 31 -39.72 -18.06 -36.91
CA GLU B 31 -39.99 -16.66 -37.25
C GLU B 31 -39.94 -15.72 -36.05
N GLU B 32 -40.06 -16.27 -34.85
CA GLU B 32 -40.14 -15.47 -33.62
C GLU B 32 -38.90 -15.54 -32.72
N ALA B 33 -38.15 -16.63 -32.83
CA ALA B 33 -36.96 -16.87 -32.00
C ALA B 33 -35.81 -15.93 -32.41
N ASN B 34 -34.83 -15.77 -31.54
CA ASN B 34 -33.59 -15.05 -31.86
C ASN B 34 -33.09 -15.50 -33.24
N PRO B 35 -33.10 -14.60 -34.25
CA PRO B 35 -32.62 -14.96 -35.59
C PRO B 35 -31.21 -15.56 -35.64
N HIS B 36 -30.33 -15.09 -34.77
CA HIS B 36 -28.94 -15.56 -34.63
C HIS B 36 -28.93 -17.03 -34.29
N ALA B 37 -29.83 -17.43 -33.38
CA ALA B 37 -30.03 -18.83 -33.02
C ALA B 37 -30.68 -19.62 -34.17
N VAL B 38 -31.69 -19.02 -34.82
CA VAL B 38 -32.34 -19.66 -35.96
C VAL B 38 -31.32 -19.93 -37.09
N LYS B 39 -30.40 -19.00 -37.30
CA LYS B 39 -29.36 -19.16 -38.35
C LYS B 39 -28.49 -20.38 -38.06
N VAL B 40 -28.01 -20.52 -36.82
CA VAL B 40 -27.26 -21.72 -36.43
C VAL B 40 -28.10 -23.00 -36.67
N LEU B 41 -29.36 -22.99 -36.25
CA LEU B 41 -30.19 -24.19 -36.35
C LEU B 41 -30.28 -24.65 -37.80
N LYS B 42 -30.59 -23.73 -38.69
CA LYS B 42 -30.83 -24.07 -40.08
C LYS B 42 -29.59 -24.58 -40.84
N GLU B 43 -28.41 -24.07 -40.48
CA GLU B 43 -27.14 -24.59 -41.01
C GLU B 43 -26.90 -26.04 -40.61
N LEU B 44 -27.19 -26.36 -39.34
CA LEU B 44 -27.12 -27.74 -38.84
C LEU B 44 -28.18 -28.66 -39.47
N LEU B 45 -29.31 -28.07 -39.85
CA LEU B 45 -30.45 -28.80 -40.42
C LEU B 45 -30.48 -28.75 -41.96
N SER B 46 -29.43 -28.19 -42.56
CA SER B 46 -29.41 -28.01 -44.03
C SER B 46 -29.42 -29.35 -44.77
N GLY B 47 -30.22 -29.42 -45.83
CA GLY B 47 -30.48 -30.67 -46.54
C GLY B 47 -31.22 -31.70 -45.70
N LYS B 48 -32.17 -31.23 -44.89
CA LYS B 48 -33.01 -32.14 -44.12
C LYS B 48 -34.52 -31.92 -44.24
N GLN B 49 -34.90 -30.86 -44.97
CA GLN B 49 -36.30 -30.64 -45.36
C GLN B 49 -37.29 -30.34 -44.23
N SER B 50 -37.80 -29.10 -44.24
CA SER B 50 -38.89 -28.66 -43.38
C SER B 50 -40.19 -29.30 -43.84
N SER B 51 -41.11 -29.56 -42.91
CA SER B 51 -42.31 -30.34 -43.21
C SER B 51 -43.55 -29.86 -42.43
N LYS B 52 -44.63 -30.64 -42.52
CA LYS B 52 -45.82 -30.45 -41.69
C LYS B 52 -45.96 -31.57 -40.66
N LYS B 53 -45.54 -32.78 -41.04
CA LYS B 53 -45.33 -33.88 -40.07
C LYS B 53 -43.83 -34.26 -39.95
N GLY B 54 -43.55 -35.34 -39.23
CA GLY B 54 -42.17 -35.62 -38.83
C GLY B 54 -41.81 -34.91 -37.53
N MET B 55 -40.59 -35.16 -37.06
CA MET B 55 -40.15 -34.72 -35.73
C MET B 55 -40.29 -33.21 -35.50
N LEU B 56 -40.83 -32.86 -34.34
CA LEU B 56 -41.00 -31.46 -33.91
C LEU B 56 -39.69 -30.88 -33.35
N ILE B 57 -39.31 -29.71 -33.84
CA ILE B 57 -38.21 -28.93 -33.23
C ILE B 57 -38.75 -27.58 -32.79
N SER B 58 -38.80 -27.36 -31.47
CA SER B 58 -39.26 -26.10 -30.90
C SER B 58 -38.10 -25.16 -30.51
N ILE B 59 -38.04 -24.00 -31.15
CA ILE B 59 -37.05 -22.98 -30.84
C ILE B 59 -37.77 -21.69 -30.43
N GLY B 60 -37.34 -21.07 -29.34
CA GLY B 60 -37.93 -19.79 -28.96
C GLY B 60 -37.42 -19.23 -27.65
N GLU B 61 -37.84 -18.02 -27.33
CA GLU B 61 -37.64 -17.50 -25.99
C GLU B 61 -38.88 -17.82 -25.14
N LYS B 62 -38.70 -17.85 -23.82
CA LYS B 62 -39.80 -18.07 -22.87
CA LYS B 62 -39.82 -18.10 -22.90
C LYS B 62 -40.94 -17.10 -23.19
N GLY B 63 -42.16 -17.61 -23.29
CA GLY B 63 -43.26 -16.69 -23.63
C GLY B 63 -43.56 -16.58 -25.11
N ASP B 64 -42.64 -17.03 -25.99
CA ASP B 64 -43.00 -17.29 -27.39
C ASP B 64 -43.94 -18.50 -27.37
N LYS B 65 -44.85 -18.53 -28.34
CA LYS B 65 -45.89 -19.58 -28.40
C LYS B 65 -45.26 -20.95 -28.70
N SER B 66 -44.14 -20.93 -29.44
CA SER B 66 -43.36 -22.15 -29.71
C SER B 66 -42.91 -22.90 -28.45
N VAL B 67 -42.54 -22.17 -27.40
CA VAL B 67 -41.93 -22.82 -26.24
C VAL B 67 -42.58 -22.52 -24.88
N ARG B 68 -43.68 -21.76 -24.91
CA ARG B 68 -44.37 -21.33 -23.68
C ARG B 68 -44.71 -22.57 -22.80
N LYS B 69 -45.10 -23.67 -23.47
CA LYS B 69 -45.27 -25.03 -22.87
C LYS B 69 -44.20 -25.42 -21.84
N TYR B 70 -42.97 -25.00 -22.11
CA TYR B 70 -41.79 -25.51 -21.39
C TYR B 70 -41.25 -24.52 -20.36
N SER B 71 -42.07 -23.52 -20.01
CA SER B 71 -41.64 -22.47 -19.11
C SER B 71 -41.13 -22.97 -17.76
N ARG B 72 -41.73 -24.05 -17.26
CA ARG B 72 -41.31 -24.60 -15.95
C ARG B 72 -39.92 -25.25 -16.02
N GLN B 73 -39.50 -25.58 -17.25
CA GLN B 73 -38.18 -26.16 -17.50
C GLN B 73 -37.07 -25.13 -17.74
N ILE B 74 -37.45 -23.91 -18.12
CA ILE B 74 -36.48 -22.88 -18.51
C ILE B 74 -35.87 -22.15 -17.30
N PRO B 75 -34.53 -22.14 -17.19
CA PRO B 75 -33.95 -21.48 -16.01
C PRO B 75 -34.32 -20.01 -15.97
N ASP B 76 -34.73 -19.52 -14.81
CA ASP B 76 -35.07 -18.10 -14.64
C ASP B 76 -33.77 -17.32 -14.34
N HIS B 77 -32.90 -17.26 -15.34
CA HIS B 77 -31.61 -16.59 -15.23
C HIS B 77 -31.32 -15.94 -16.59
N LYS B 78 -30.81 -14.72 -16.58
CA LYS B 78 -30.34 -14.09 -17.82
C LYS B 78 -29.39 -15.04 -18.57
N GLU B 79 -29.57 -15.13 -19.88
CA GLU B 79 -28.75 -15.98 -20.75
C GLU B 79 -28.94 -17.48 -20.52
N GLY B 80 -29.94 -17.83 -19.72
CA GLY B 80 -30.27 -19.22 -19.40
C GLY B 80 -31.08 -19.87 -20.52
N TYR B 81 -31.13 -21.20 -20.53
CA TYR B 81 -31.84 -21.96 -21.55
C TYR B 81 -32.19 -23.38 -21.08
N TYR B 82 -33.20 -23.97 -21.72
CA TYR B 82 -33.55 -25.37 -21.52
C TYR B 82 -33.30 -26.02 -22.90
N LEU B 83 -32.58 -27.13 -22.88
CA LEU B 83 -32.41 -27.93 -24.10
C LEU B 83 -32.86 -29.36 -23.80
N SER B 84 -33.63 -29.93 -24.72
CA SER B 84 -34.14 -31.28 -24.58
C SER B 84 -34.06 -31.98 -25.92
N VAL B 85 -33.50 -33.18 -25.88
CA VAL B 85 -33.51 -34.09 -27.01
C VAL B 85 -34.07 -35.44 -26.51
N ASN B 86 -35.15 -35.89 -27.13
CA ASN B 86 -35.67 -37.27 -26.93
C ASN B 86 -36.15 -37.84 -28.27
N GLU B 87 -36.79 -39.02 -28.25
CA GLU B 87 -37.30 -39.62 -29.51
C GLU B 87 -38.47 -38.80 -30.09
N LYS B 88 -39.25 -38.20 -29.19
CA LYS B 88 -40.45 -37.46 -29.56
C LYS B 88 -40.15 -36.10 -30.19
N GLU B 89 -39.34 -35.28 -29.53
CA GLU B 89 -39.12 -33.90 -29.99
C GLU B 89 -37.79 -33.29 -29.52
N ILE B 90 -37.41 -32.18 -30.15
CA ILE B 90 -36.29 -31.33 -29.72
C ILE B 90 -36.79 -29.96 -29.21
N VAL B 91 -36.28 -29.54 -28.06
CA VAL B 91 -36.64 -28.24 -27.48
C VAL B 91 -35.35 -27.43 -27.31
N LEU B 92 -35.40 -26.20 -27.80
CA LEU B 92 -34.30 -25.25 -27.72
C LEU B 92 -34.94 -23.94 -27.29
N ALA B 93 -35.03 -23.73 -25.96
CA ALA B 93 -35.80 -22.63 -25.39
C ALA B 93 -34.98 -21.74 -24.47
N GLY B 94 -34.73 -20.51 -24.87
CA GLY B 94 -33.97 -19.60 -24.01
C GLY B 94 -34.87 -18.82 -23.05
N ASN B 95 -34.31 -18.45 -21.90
CA ASN B 95 -34.95 -17.48 -21.02
C ASN B 95 -35.09 -16.14 -21.74
N ASP B 96 -34.09 -15.81 -22.55
CA ASP B 96 -34.04 -14.56 -23.31
C ASP B 96 -33.34 -14.87 -24.61
N GLU B 97 -33.18 -13.88 -25.48
CA GLU B 97 -32.67 -14.12 -26.84
C GLU B 97 -31.26 -14.70 -26.85
N ARG B 98 -30.42 -14.18 -25.97
CA ARG B 98 -29.08 -14.71 -25.89
C ARG B 98 -29.08 -16.16 -25.40
N GLY B 99 -29.88 -16.47 -24.37
CA GLY B 99 -30.07 -17.86 -23.92
C GLY B 99 -30.42 -18.82 -25.04
N THR B 100 -31.27 -18.37 -25.97
CA THR B 100 -31.63 -19.24 -27.10
C THR B 100 -30.43 -19.50 -28.02
N TYR B 101 -29.64 -18.47 -28.26
CA TYR B 101 -28.40 -18.66 -29.02
C TYR B 101 -27.43 -19.63 -28.33
N TYR B 102 -27.33 -19.51 -27.01
CA TYR B 102 -26.51 -20.42 -26.22
C TYR B 102 -27.00 -21.86 -26.22
N ALA B 103 -28.33 -22.04 -26.26
CA ALA B 103 -28.91 -23.37 -26.45
C ALA B 103 -28.35 -23.99 -27.73
N LEU B 104 -28.34 -23.21 -28.81
CA LEU B 104 -27.84 -23.71 -30.08
C LEU B 104 -26.34 -24.04 -30.11
N GLN B 105 -25.55 -23.29 -29.33
CA GLN B 105 -24.11 -23.55 -29.20
C GLN B 105 -23.77 -24.85 -28.45
N THR B 106 -24.62 -25.20 -27.48
CA THR B 106 -24.56 -26.49 -26.83
C THR B 106 -25.06 -27.57 -27.80
N PHE B 107 -26.20 -27.30 -28.41
CA PHE B 107 -26.76 -28.21 -29.39
C PHE B 107 -25.72 -28.63 -30.45
N ALA B 108 -25.04 -27.65 -31.05
CA ALA B 108 -23.97 -27.91 -32.02
C ALA B 108 -22.87 -28.86 -31.51
N GLN B 109 -22.59 -28.80 -30.22
CA GLN B 109 -21.58 -29.68 -29.60
C GLN B 109 -22.11 -31.10 -29.37
N LEU B 110 -23.43 -31.22 -29.24
CA LEU B 110 -24.09 -32.52 -29.01
C LEU B 110 -24.19 -33.39 -30.29
N LEU B 111 -24.30 -32.73 -31.43
CA LEU B 111 -24.48 -33.39 -32.72
C LEU B 111 -23.16 -33.99 -33.23
N LYS B 112 -23.08 -35.32 -33.29
CA LYS B 112 -21.91 -36.02 -33.84
C LYS B 112 -22.35 -37.05 -34.88
N ASP B 113 -21.82 -36.93 -36.10
CA ASP B 113 -22.17 -37.84 -37.19
C ASP B 113 -23.69 -38.05 -37.32
N GLY B 114 -24.42 -36.95 -37.24
CA GLY B 114 -25.87 -36.95 -37.47
C GLY B 114 -26.73 -37.49 -36.35
N LYS B 115 -26.11 -37.84 -35.22
CA LYS B 115 -26.83 -38.33 -34.06
C LYS B 115 -26.77 -37.36 -32.88
N LEU B 116 -27.74 -37.48 -31.98
CA LEU B 116 -27.79 -36.67 -30.77
C LEU B 116 -27.93 -37.60 -29.57
N PRO B 117 -27.34 -37.23 -28.42
CA PRO B 117 -27.74 -38.03 -27.27
C PRO B 117 -29.14 -37.64 -26.83
N GLU B 118 -29.82 -38.54 -26.14
CA GLU B 118 -31.05 -38.17 -25.47
C GLU B 118 -30.64 -37.49 -24.20
N VAL B 119 -30.90 -36.18 -24.14
CA VAL B 119 -30.40 -35.32 -23.07
C VAL B 119 -31.44 -34.32 -22.58
N GLU B 120 -31.29 -33.91 -21.33
CA GLU B 120 -31.97 -32.76 -20.80
C GLU B 120 -30.96 -31.84 -20.10
N ILE B 121 -30.86 -30.60 -20.60
CA ILE B 121 -29.94 -29.58 -20.08
C ILE B 121 -30.71 -28.37 -19.58
N LYS B 122 -30.36 -27.89 -18.38
CA LYS B 122 -30.79 -26.59 -17.90
C LYS B 122 -29.51 -25.84 -17.50
N ASP B 123 -29.31 -24.68 -18.13
CA ASP B 123 -28.01 -24.02 -18.15
C ASP B 123 -28.14 -22.53 -18.09
N TYR B 124 -27.12 -21.89 -17.52
CA TYR B 124 -27.07 -20.45 -17.35
C TYR B 124 -25.65 -20.13 -16.89
N PRO B 125 -25.21 -18.88 -17.06
CA PRO B 125 -23.86 -18.53 -16.53
C PRO B 125 -23.81 -18.20 -15.03
N SER B 126 -22.72 -18.56 -14.37
CA SER B 126 -22.48 -18.15 -12.98
C SER B 126 -21.96 -16.72 -12.84
N VAL B 127 -21.31 -16.23 -13.91
CA VAL B 127 -20.78 -14.86 -13.95
C VAL B 127 -21.47 -14.09 -15.10
N ARG B 128 -21.93 -12.89 -14.82
CA ARG B 128 -22.75 -12.09 -15.73
C ARG B 128 -21.99 -11.64 -17.00
N TYR B 129 -20.75 -11.16 -16.83
CA TYR B 129 -19.93 -10.69 -17.97
C TYR B 129 -18.67 -11.50 -18.12
N ARG B 130 -18.48 -12.08 -19.30
CA ARG B 130 -17.42 -13.09 -19.50
C ARG B 130 -16.83 -12.80 -20.84
N GLY B 131 -15.52 -12.67 -20.89
CA GLY B 131 -14.89 -12.41 -22.17
C GLY B 131 -13.42 -12.02 -22.12
N VAL B 132 -13.08 -11.15 -23.06
CA VAL B 132 -11.71 -10.77 -23.35
C VAL B 132 -11.56 -9.26 -23.32
N VAL B 133 -10.55 -8.75 -22.66
CA VAL B 133 -10.14 -7.37 -22.88
C VAL B 133 -8.89 -7.43 -23.78
N GLU B 134 -8.99 -6.92 -25.01
CA GLU B 134 -7.77 -6.66 -25.80
C GLU B 134 -7.15 -5.41 -25.23
N GLY B 135 -6.28 -5.57 -24.24
CA GLY B 135 -5.88 -4.46 -23.40
C GLY B 135 -4.39 -4.40 -23.16
N PHE B 136 -3.63 -5.08 -24.03
CA PHE B 136 -2.18 -5.25 -23.86
C PHE B 136 -1.36 -4.14 -24.55
N TYR B 137 -0.05 -4.11 -24.24
CA TYR B 137 0.95 -3.35 -24.99
C TYR B 137 1.50 -4.25 -26.09
N GLY B 138 1.75 -3.69 -27.27
CA GLY B 138 2.20 -4.50 -28.40
C GLY B 138 1.37 -4.18 -29.63
N THR B 139 1.62 -4.92 -30.71
CA THR B 139 0.89 -4.78 -31.95
C THR B 139 -0.55 -5.19 -31.73
N PRO B 140 -1.52 -4.26 -31.90
CA PRO B 140 -2.90 -4.62 -31.68
C PRO B 140 -3.31 -5.75 -32.62
N TRP B 141 -4.35 -6.50 -32.24
CA TRP B 141 -4.78 -7.61 -33.07
C TRP B 141 -5.18 -7.10 -34.45
N SER B 142 -4.87 -7.85 -35.51
CA SER B 142 -5.31 -7.52 -36.85
C SER B 142 -6.83 -7.58 -36.95
N HIS B 143 -7.38 -6.94 -38.00
CA HIS B 143 -8.82 -6.94 -38.25
C HIS B 143 -9.33 -8.37 -38.43
N GLN B 144 -8.62 -9.16 -39.25
CA GLN B 144 -8.95 -10.55 -39.45
C GLN B 144 -8.91 -11.38 -38.16
N ALA B 145 -7.90 -11.17 -37.32
CA ALA B 145 -7.82 -11.84 -36.01
C ALA B 145 -9.03 -11.55 -35.13
N ARG B 146 -9.42 -10.27 -35.01
CA ARG B 146 -10.62 -9.84 -34.27
C ARG B 146 -11.93 -10.48 -34.75
N LEU B 147 -12.10 -10.61 -36.06
CA LEU B 147 -13.26 -11.27 -36.65
C LEU B 147 -13.36 -12.73 -36.20
N SER B 148 -12.24 -13.44 -36.29
CA SER B 148 -12.11 -14.81 -35.82
C SER B 148 -12.39 -14.92 -34.33
N GLN B 149 -11.82 -13.99 -33.55
CA GLN B 149 -12.05 -13.96 -32.11
C GLN B 149 -13.54 -13.89 -31.79
N LEU B 150 -14.28 -13.02 -32.46
CA LEU B 150 -15.68 -12.78 -32.14
C LEU B 150 -16.57 -14.00 -32.36
N LYS B 151 -16.27 -14.76 -33.41
CA LYS B 151 -17.00 -15.98 -33.70
C LYS B 151 -16.69 -17.03 -32.66
N PHE B 152 -15.42 -17.09 -32.25
CA PHE B 152 -14.95 -17.96 -31.16
C PHE B 152 -15.62 -17.63 -29.82
N TYR B 153 -15.78 -16.33 -29.49
CA TYR B 153 -16.49 -15.95 -28.27
C TYR B 153 -17.94 -16.42 -28.26
N GLY B 154 -18.66 -16.22 -29.37
CA GLY B 154 -20.05 -16.65 -29.41
C GLY B 154 -20.19 -18.15 -29.21
N LYS B 155 -19.29 -18.92 -29.83
CA LYS B 155 -19.29 -20.39 -29.71
C LYS B 155 -19.07 -20.84 -28.26
N ASN B 156 -18.33 -20.02 -27.50
CA ASN B 156 -17.96 -20.40 -26.14
C ASN B 156 -18.69 -19.57 -25.08
N LYS B 157 -19.75 -18.88 -25.50
CA LYS B 157 -20.67 -18.19 -24.57
C LYS B 157 -20.01 -17.04 -23.83
N MET B 158 -18.96 -16.49 -24.43
CA MET B 158 -18.39 -15.22 -23.94
C MET B 158 -19.20 -14.07 -24.52
N ASN B 159 -19.74 -13.23 -23.64
CA ASN B 159 -20.64 -12.16 -24.05
C ASN B 159 -19.98 -10.77 -24.15
N THR B 160 -18.67 -10.73 -23.90
CA THR B 160 -17.95 -9.48 -23.72
C THR B 160 -16.61 -9.42 -24.48
N TYR B 161 -16.45 -8.38 -25.29
CA TYR B 161 -15.18 -8.08 -25.93
C TYR B 161 -14.88 -6.62 -25.68
N ILE B 162 -13.86 -6.36 -24.85
CA ILE B 162 -13.47 -4.98 -24.56
C ILE B 162 -12.31 -4.56 -25.45
N TYR B 163 -12.59 -3.61 -26.34
CA TYR B 163 -11.57 -3.15 -27.25
C TYR B 163 -10.72 -2.09 -26.53
N GLY B 164 -9.46 -2.39 -26.26
CA GLY B 164 -8.57 -1.38 -25.64
C GLY B 164 -7.07 -1.55 -25.81
N PRO B 165 -6.61 -1.73 -27.07
CA PRO B 165 -5.17 -1.96 -27.20
C PRO B 165 -4.38 -0.71 -26.81
N LYS B 166 -3.41 -0.86 -25.90
CA LYS B 166 -2.65 0.29 -25.41
C LYS B 166 -1.97 1.13 -26.52
N ASP B 167 -1.58 0.47 -27.61
CA ASP B 167 -0.85 1.10 -28.72
C ASP B 167 -1.70 1.65 -29.90
N ASP B 168 -3.02 1.53 -29.78
CA ASP B 168 -3.96 2.22 -30.65
C ASP B 168 -4.02 3.72 -30.32
N PRO B 169 -3.47 4.57 -31.22
CA PRO B 169 -3.46 6.01 -30.97
C PRO B 169 -4.85 6.67 -30.81
N TYR B 170 -5.91 6.07 -31.35
CA TYR B 170 -7.27 6.62 -31.15
C TYR B 170 -7.95 6.13 -29.88
N HIS B 171 -7.32 5.14 -29.23
CA HIS B 171 -7.76 4.62 -27.92
C HIS B 171 -7.07 5.39 -26.78
N SER B 172 -5.76 5.58 -26.91
CA SER B 172 -4.93 6.17 -25.86
C SER B 172 -4.25 7.47 -26.34
N ALA B 173 -3.07 7.75 -25.77
CA ALA B 173 -2.12 8.77 -26.26
C ALA B 173 -1.69 8.55 -27.71
N PRO B 174 -1.73 9.64 -28.49
CA PRO B 174 -2.14 10.97 -28.04
C PRO B 174 -3.52 11.41 -28.58
N ASN B 175 -4.13 10.59 -29.43
CA ASN B 175 -5.31 10.94 -30.24
C ASN B 175 -6.65 10.31 -29.81
N TRP B 176 -6.81 9.96 -28.52
CA TRP B 176 -8.12 9.56 -28.02
C TRP B 176 -9.23 10.60 -28.36
N ARG B 177 -8.85 11.86 -28.59
CA ARG B 177 -9.81 12.93 -28.87
C ARG B 177 -10.31 12.91 -30.30
N LEU B 178 -9.57 12.25 -31.19
CA LEU B 178 -9.92 12.23 -32.63
C LEU B 178 -10.80 11.04 -33.00
N PRO B 179 -11.76 11.24 -33.94
CA PRO B 179 -12.48 10.09 -34.49
C PRO B 179 -11.48 9.22 -35.23
N TYR B 180 -11.73 7.92 -35.25
CA TYR B 180 -10.99 7.01 -36.11
C TYR B 180 -11.09 7.47 -37.56
N PRO B 181 -10.01 7.34 -38.33
CA PRO B 181 -10.09 7.57 -39.75
C PRO B 181 -11.10 6.62 -40.41
N ASP B 182 -11.54 6.99 -41.61
CA ASP B 182 -12.58 6.26 -42.35
C ASP B 182 -12.37 4.75 -42.42
N LYS B 183 -11.13 4.35 -42.72
CA LYS B 183 -10.78 2.94 -42.91
C LYS B 183 -11.02 2.17 -41.60
N GLU B 184 -10.44 2.66 -40.52
CA GLU B 184 -10.55 2.06 -39.19
C GLU B 184 -11.98 2.15 -38.63
N ALA B 185 -12.65 3.25 -38.92
CA ALA B 185 -14.04 3.39 -38.52
C ALA B 185 -14.93 2.33 -39.16
N ALA B 186 -14.79 2.11 -40.46
CA ALA B 186 -15.54 1.06 -41.15
C ALA B 186 -15.20 -0.36 -40.67
N GLN B 187 -13.92 -0.62 -40.38
CA GLN B 187 -13.49 -1.87 -39.76
C GLN B 187 -14.15 -2.05 -38.41
N LEU B 188 -14.09 -1.04 -37.54
CA LEU B 188 -14.78 -1.11 -36.23
C LEU B 188 -16.30 -1.31 -36.36
N GLN B 189 -16.92 -0.66 -37.34
CA GLN B 189 -18.33 -0.85 -37.65
C GLN B 189 -18.61 -2.32 -38.04
N GLU B 190 -17.73 -2.90 -38.84
CA GLU B 190 -17.85 -4.30 -39.15
C GLU B 190 -17.67 -5.19 -37.90
N LEU B 191 -16.65 -4.92 -37.09
CA LEU B 191 -16.49 -5.66 -35.82
C LEU B 191 -17.75 -5.59 -34.98
N VAL B 192 -18.36 -4.42 -34.88
CA VAL B 192 -19.59 -4.30 -34.09
C VAL B 192 -20.71 -5.19 -34.65
N ALA B 193 -20.91 -5.16 -35.97
CA ALA B 193 -21.95 -6.01 -36.58
C ALA B 193 -21.67 -7.49 -36.33
N VAL B 194 -20.42 -7.91 -36.52
CA VAL B 194 -20.03 -9.31 -36.30
C VAL B 194 -20.18 -9.67 -34.81
N ALA B 195 -19.78 -8.78 -33.90
CA ALA B 195 -20.03 -8.99 -32.46
C ALA B 195 -21.53 -9.29 -32.18
N ASN B 196 -22.39 -8.41 -32.68
CA ASN B 196 -23.85 -8.53 -32.50
C ASN B 196 -24.40 -9.89 -32.99
N GLU B 197 -23.96 -10.32 -34.16
CA GLU B 197 -24.37 -11.60 -34.76
C GLU B 197 -23.98 -12.80 -33.92
N ASN B 198 -22.94 -12.63 -33.10
CA ASN B 198 -22.37 -13.71 -32.31
C ASN B 198 -22.73 -13.56 -30.83
N GLU B 199 -23.67 -12.66 -30.54
CA GLU B 199 -24.14 -12.37 -29.18
C GLU B 199 -23.03 -11.89 -28.24
N VAL B 200 -22.16 -11.04 -28.77
CA VAL B 200 -21.07 -10.47 -28.02
C VAL B 200 -21.28 -8.96 -27.95
N ASP B 201 -21.22 -8.39 -26.74
CA ASP B 201 -21.19 -6.95 -26.55
C ASP B 201 -19.80 -6.39 -26.83
N PHE B 202 -19.69 -5.54 -27.85
CA PHE B 202 -18.47 -4.85 -28.17
C PHE B 202 -18.42 -3.66 -27.23
N VAL B 203 -17.43 -3.68 -26.33
CA VAL B 203 -17.24 -2.59 -25.39
C VAL B 203 -16.06 -1.76 -25.90
N TRP B 204 -16.31 -0.52 -26.37
CA TRP B 204 -15.18 0.32 -26.78
C TRP B 204 -14.63 1.07 -25.58
N ALA B 205 -13.34 0.92 -25.31
CA ALA B 205 -12.70 1.57 -24.17
C ALA B 205 -11.92 2.80 -24.64
N ILE B 206 -11.70 3.75 -23.74
CA ILE B 206 -10.85 4.89 -24.03
C ILE B 206 -9.89 5.03 -22.87
N HIS B 207 -8.67 5.50 -23.17
CA HIS B 207 -7.57 5.52 -22.20
C HIS B 207 -6.98 6.94 -22.22
N PRO B 208 -7.72 7.92 -21.65
CA PRO B 208 -7.42 9.34 -21.80
C PRO B 208 -6.56 10.00 -20.71
N GLY B 209 -6.25 9.24 -19.65
CA GLY B 209 -5.77 9.81 -18.38
C GLY B 209 -4.42 10.52 -18.34
N GLN B 210 -3.51 10.13 -19.23
CA GLN B 210 -2.14 10.63 -19.24
C GLN B 210 -2.04 12.14 -19.49
N ASP B 211 -2.93 12.66 -20.34
CA ASP B 211 -2.96 14.09 -20.68
C ASP B 211 -4.35 14.75 -20.57
N ILE B 212 -5.33 14.07 -19.94
CA ILE B 212 -6.67 14.65 -19.74
C ILE B 212 -6.63 15.88 -18.84
N LYS B 213 -7.33 16.92 -19.26
CA LYS B 213 -7.59 18.09 -18.42
C LYS B 213 -8.97 17.97 -17.81
N TRP B 214 -9.08 18.26 -16.52
CA TRP B 214 -10.38 18.23 -15.87
C TRP B 214 -11.11 19.57 -16.16
N ASN B 215 -11.35 19.83 -17.45
CA ASN B 215 -12.06 21.01 -17.90
C ASN B 215 -13.20 20.63 -18.85
N LYS B 216 -14.03 21.60 -19.19
CA LYS B 216 -15.16 21.37 -20.07
C LYS B 216 -14.71 20.85 -21.43
N GLU B 217 -13.64 21.42 -21.97
CA GLU B 217 -13.13 21.04 -23.29
C GLU B 217 -12.84 19.54 -23.47
N ASP B 218 -12.08 18.95 -22.55
CA ASP B 218 -11.74 17.50 -22.63
C ASP B 218 -12.96 16.62 -22.34
N ARG B 219 -13.73 16.99 -21.32
CA ARG B 219 -15.01 16.34 -21.02
CA ARG B 219 -15.04 16.38 -21.01
C ARG B 219 -15.88 16.24 -22.28
N ASP B 220 -16.10 17.37 -22.96
CA ASP B 220 -16.87 17.36 -24.22
C ASP B 220 -16.18 16.62 -25.33
N LEU B 221 -14.84 16.67 -25.41
CA LEU B 221 -14.14 15.90 -26.45
C LEU B 221 -14.37 14.40 -26.25
N LEU B 222 -14.27 13.94 -25.00
CA LEU B 222 -14.48 12.52 -24.70
C LEU B 222 -15.90 12.06 -25.09
N LEU B 223 -16.89 12.87 -24.73
CA LEU B 223 -18.28 12.55 -25.00
C LEU B 223 -18.57 12.59 -26.50
N ALA B 224 -17.93 13.52 -27.20
CA ALA B 224 -18.02 13.58 -28.66
C ALA B 224 -17.44 12.33 -29.33
N LYS B 225 -16.35 11.80 -28.77
CA LYS B 225 -15.73 10.56 -29.26
C LYS B 225 -16.64 9.36 -28.98
N PHE B 226 -17.17 9.23 -27.75
CA PHE B 226 -18.16 8.19 -27.45
C PHE B 226 -19.34 8.29 -28.43
N GLU B 227 -19.85 9.51 -28.69
CA GLU B 227 -20.91 9.69 -29.71
C GLU B 227 -20.51 9.16 -31.11
N LYS B 228 -19.26 9.40 -31.55
CA LYS B 228 -18.81 8.86 -32.84
CA LYS B 228 -18.76 8.85 -32.83
C LYS B 228 -18.81 7.34 -32.81
N MET B 229 -18.36 6.76 -31.69
CA MET B 229 -18.35 5.31 -31.56
C MET B 229 -19.78 4.79 -31.52
N TYR B 230 -20.68 5.53 -30.85
CA TYR B 230 -22.12 5.19 -30.86
C TYR B 230 -22.69 5.05 -32.32
N GLN B 231 -22.37 6.01 -33.17
CA GLN B 231 -22.78 6.03 -34.60
C GLN B 231 -22.23 4.85 -35.38
N LEU B 232 -21.08 4.32 -34.96
CA LEU B 232 -20.51 3.10 -35.59
C LEU B 232 -21.15 1.79 -35.07
N GLY B 233 -22.09 1.94 -34.13
CA GLY B 233 -22.86 0.84 -33.61
C GLY B 233 -22.54 0.44 -32.16
N VAL B 234 -21.56 1.09 -31.54
CA VAL B 234 -21.09 0.67 -30.21
C VAL B 234 -22.11 0.98 -29.13
N ARG B 235 -22.45 -0.01 -28.31
CA ARG B 235 -23.45 0.15 -27.25
C ARG B 235 -22.91 -0.07 -25.82
N SER B 236 -21.64 -0.42 -25.67
CA SER B 236 -21.03 -0.49 -24.33
C SER B 236 -19.71 0.26 -24.35
N PHE B 237 -19.34 0.82 -23.20
CA PHE B 237 -18.26 1.79 -23.17
C PHE B 237 -17.47 1.63 -21.90
N ALA B 238 -16.19 2.00 -21.97
CA ALA B 238 -15.31 1.87 -20.80
C ALA B 238 -14.33 3.01 -20.82
N VAL B 239 -13.91 3.42 -19.63
CA VAL B 239 -12.86 4.42 -19.48
C VAL B 239 -11.77 3.82 -18.58
N PHE B 240 -10.55 3.75 -19.11
CA PHE B 240 -9.43 3.11 -18.43
C PHE B 240 -8.46 4.17 -17.92
N PHE B 241 -8.12 4.10 -16.64
CA PHE B 241 -7.13 5.02 -16.02
C PHE B 241 -5.91 4.26 -15.47
N ASP B 242 -5.58 3.14 -16.11
CA ASP B 242 -4.43 2.34 -15.70
C ASP B 242 -3.14 2.83 -16.33
N ASP B 243 -2.03 2.68 -15.59
CA ASP B 243 -0.66 2.95 -16.10
C ASP B 243 -0.50 4.39 -16.59
N ILE B 244 -0.89 5.35 -15.74
CA ILE B 244 -0.80 6.77 -16.06
C ILE B 244 -0.24 7.50 -14.84
N SER B 245 0.24 8.72 -15.05
CA SER B 245 0.65 9.57 -13.94
C SER B 245 0.05 10.96 -14.06
N GLY B 246 0.07 11.69 -12.93
CA GLY B 246 -0.36 13.07 -12.93
C GLY B 246 -1.79 13.26 -12.49
N GLU B 247 -2.39 14.33 -13.02
CA GLU B 247 -3.73 14.75 -12.61
C GLU B 247 -4.84 13.80 -13.03
N GLY B 248 -4.62 13.07 -14.13
CA GLY B 248 -5.55 12.03 -14.59
C GLY B 248 -5.84 10.92 -13.57
N THR B 249 -5.04 10.87 -12.49
CA THR B 249 -5.16 9.82 -11.45
C THR B 249 -6.07 10.22 -10.27
N ASN B 250 -6.66 11.40 -10.35
CA ASN B 250 -7.53 11.91 -9.31
C ASN B 250 -8.85 11.09 -9.22
N PRO B 251 -9.06 10.32 -8.11
CA PRO B 251 -10.28 9.48 -8.05
C PRO B 251 -11.58 10.25 -8.03
N GLN B 252 -11.57 11.42 -7.40
CA GLN B 252 -12.77 12.25 -7.34
C GLN B 252 -13.23 12.72 -8.74
N LYS B 253 -12.27 13.22 -9.51
CA LYS B 253 -12.49 13.66 -10.89
C LYS B 253 -12.81 12.53 -11.85
N GLN B 254 -12.14 11.39 -11.67
CA GLN B 254 -12.47 10.16 -12.36
C GLN B 254 -13.91 9.76 -12.14
N ALA B 255 -14.34 9.73 -10.87
CA ALA B 255 -15.74 9.34 -10.54
C ALA B 255 -16.74 10.33 -11.10
N GLU B 256 -16.42 11.61 -10.97
CA GLU B 256 -17.26 12.70 -11.52
C GLU B 256 -17.41 12.59 -13.03
N LEU B 257 -16.34 12.17 -13.71
CA LEU B 257 -16.37 12.07 -15.14
C LEU B 257 -17.23 10.87 -15.60
N LEU B 258 -17.00 9.73 -14.98
CA LEU B 258 -17.81 8.54 -15.23
C LEU B 258 -19.29 8.75 -14.92
N ASN B 259 -19.57 9.42 -13.81
CA ASN B 259 -20.95 9.81 -13.45
C ASN B 259 -21.57 10.75 -14.48
N TYR B 260 -20.80 11.73 -14.95
CA TYR B 260 -21.20 12.55 -16.10
C TYR B 260 -21.50 11.76 -17.37
N ILE B 261 -20.62 10.84 -17.77
CA ILE B 261 -20.89 9.97 -18.92
C ILE B 261 -22.19 9.23 -18.69
N ASP B 262 -22.34 8.66 -17.50
CA ASP B 262 -23.57 7.95 -17.19
C ASP B 262 -24.80 8.85 -17.35
N GLU B 263 -24.78 10.01 -16.72
CA GLU B 263 -25.97 10.87 -16.69
C GLU B 263 -26.31 11.47 -18.08
N LYS B 264 -25.30 11.93 -18.82
CA LYS B 264 -25.52 12.61 -20.09
C LYS B 264 -25.53 11.69 -21.31
N PHE B 265 -25.07 10.46 -21.15
CA PHE B 265 -24.88 9.58 -22.33
C PHE B 265 -25.51 8.21 -22.11
N ALA B 266 -24.99 7.44 -21.15
CA ALA B 266 -25.50 6.07 -20.93
C ALA B 266 -27.00 6.00 -20.50
N GLN B 267 -27.48 7.05 -19.84
CA GLN B 267 -28.90 7.17 -19.44
C GLN B 267 -29.74 8.06 -20.37
N VAL B 268 -29.13 8.48 -21.48
CA VAL B 268 -29.80 9.32 -22.48
C VAL B 268 -30.13 8.52 -23.76
N LYS B 269 -29.15 7.75 -24.21
CA LYS B 269 -29.31 6.79 -25.31
C LYS B 269 -30.29 5.67 -24.92
N PRO B 270 -31.07 5.16 -25.89
CA PRO B 270 -32.10 4.15 -25.52
C PRO B 270 -31.55 2.78 -25.13
N ASP B 271 -30.30 2.49 -25.52
CA ASP B 271 -29.84 1.11 -25.60
C ASP B 271 -28.39 0.88 -25.18
N ILE B 272 -27.89 1.67 -24.24
CA ILE B 272 -26.52 1.42 -23.75
C ILE B 272 -26.46 0.29 -22.69
N ASN B 273 -25.50 -0.62 -22.86
CA ASN B 273 -25.37 -1.81 -22.02
C ASN B 273 -24.37 -1.63 -20.88
N GLN B 274 -23.10 -2.00 -21.10
CA GLN B 274 -22.08 -1.92 -20.05
C GLN B 274 -21.44 -0.55 -20.01
N LEU B 275 -21.18 -0.07 -18.80
CA LEU B 275 -20.36 1.12 -18.57
C LEU B 275 -19.34 0.78 -17.50
N VAL B 276 -18.05 0.79 -17.88
CA VAL B 276 -17.03 0.11 -17.07
C VAL B 276 -15.88 1.08 -16.90
N MET B 277 -15.24 1.07 -15.73
CA MET B 277 -13.99 1.86 -15.60
C MET B 277 -12.84 1.00 -15.04
N CYS B 278 -11.62 1.25 -15.49
CA CYS B 278 -10.45 0.61 -14.91
C CYS B 278 -9.74 1.63 -14.04
N PRO B 279 -9.58 1.33 -12.73
CA PRO B 279 -8.94 2.33 -11.85
C PRO B 279 -7.42 2.47 -12.05
N THR B 280 -6.89 3.58 -11.54
CA THR B 280 -5.46 3.77 -11.46
C THR B 280 -4.82 2.78 -10.48
N GLU B 281 -5.45 2.64 -9.32
CA GLU B 281 -5.13 1.53 -8.39
C GLU B 281 -5.93 0.31 -8.79
N TYR B 282 -5.31 -0.58 -9.58
CA TYR B 282 -6.05 -1.69 -10.17
C TYR B 282 -5.65 -3.04 -9.59
N ASN B 283 -4.79 -3.02 -8.56
CA ASN B 283 -4.43 -4.23 -7.83
C ASN B 283 -3.94 -3.86 -6.42
N LYS B 284 -4.03 -4.82 -5.50
CA LYS B 284 -3.79 -4.54 -4.10
C LYS B 284 -2.39 -3.99 -3.82
N SER B 285 -1.36 -4.61 -4.41
CA SER B 285 0.04 -4.21 -4.15
C SER B 285 0.29 -2.77 -4.60
N TRP B 286 -0.46 -2.31 -5.60
CA TRP B 286 -0.30 -0.98 -6.19
C TRP B 286 -1.25 0.03 -5.54
N SER B 287 -1.94 -0.42 -4.50
CA SER B 287 -2.84 0.45 -3.73
CA SER B 287 -2.83 0.47 -3.75
C SER B 287 -2.10 1.09 -2.55
N ASN B 288 -2.26 2.39 -2.39
CA ASN B 288 -1.60 3.14 -1.34
C ASN B 288 -2.33 2.88 -0.02
N PRO B 289 -1.67 2.17 0.93
CA PRO B 289 -2.29 1.86 2.22
C PRO B 289 -2.77 3.14 2.91
N ASN B 290 -3.99 3.09 3.45
CA ASN B 290 -4.57 4.20 4.22
C ASN B 290 -4.85 5.44 3.38
N GLY B 291 -4.65 5.30 2.06
CA GLY B 291 -4.97 6.33 1.08
C GLY B 291 -6.44 6.13 0.78
N ASN B 292 -7.10 7.11 0.23
CA ASN B 292 -8.54 6.91 0.05
CA ASN B 292 -8.55 7.02 0.03
C ASN B 292 -8.96 6.73 -1.41
N TYR B 293 -8.00 6.35 -2.26
CA TYR B 293 -8.29 6.21 -3.68
C TYR B 293 -9.50 5.29 -3.95
N LEU B 294 -9.44 4.06 -3.45
CA LEU B 294 -10.46 3.05 -3.80
C LEU B 294 -11.82 3.27 -3.14
N THR B 295 -11.79 3.71 -1.88
CA THR B 295 -13.04 4.05 -1.18
C THR B 295 -13.71 5.31 -1.79
N THR B 296 -12.91 6.29 -2.24
CA THR B 296 -13.47 7.39 -3.03
C THR B 296 -14.23 6.88 -4.28
N LEU B 297 -13.62 6.01 -5.08
CA LEU B 297 -14.37 5.45 -6.23
C LEU B 297 -15.59 4.68 -5.74
N GLY B 298 -15.38 3.86 -4.71
CA GLY B 298 -16.43 3.01 -4.15
C GLY B 298 -17.65 3.81 -3.74
N ASP B 299 -17.39 4.92 -3.06
CA ASP B 299 -18.44 5.80 -2.54
C ASP B 299 -19.07 6.69 -3.61
N LYS B 300 -18.28 7.24 -4.53
CA LYS B 300 -18.78 8.25 -5.48
C LYS B 300 -19.28 7.74 -6.84
N LEU B 301 -18.74 6.63 -7.34
CA LEU B 301 -19.17 6.08 -8.63
C LEU B 301 -20.60 5.56 -8.54
N ASN B 302 -21.41 5.92 -9.55
CA ASN B 302 -22.78 5.45 -9.62
C ASN B 302 -22.81 3.93 -9.57
N PRO B 303 -23.76 3.37 -8.80
CA PRO B 303 -23.83 1.92 -8.55
C PRO B 303 -23.82 1.05 -9.82
N SER B 304 -24.32 1.58 -10.93
CA SER B 304 -24.38 0.86 -12.22
C SER B 304 -23.01 0.67 -12.89
N ILE B 305 -22.05 1.51 -12.54
CA ILE B 305 -20.76 1.54 -13.20
C ILE B 305 -19.84 0.43 -12.65
N GLN B 306 -19.23 -0.32 -13.57
CA GLN B 306 -18.30 -1.41 -13.20
C GLN B 306 -16.91 -0.89 -12.92
N ILE B 307 -16.24 -1.55 -11.98
CA ILE B 307 -14.86 -1.22 -11.61
C ILE B 307 -13.98 -2.45 -11.71
N MET B 308 -12.92 -2.32 -12.50
CA MET B 308 -12.06 -3.47 -12.88
C MET B 308 -10.95 -3.65 -11.87
N TRP B 309 -10.39 -4.87 -11.84
CA TRP B 309 -9.42 -5.24 -10.81
C TRP B 309 -8.67 -6.44 -11.30
N THR B 310 -7.34 -6.42 -11.14
CA THR B 310 -6.44 -7.50 -11.58
C THR B 310 -5.98 -8.45 -10.45
N GLY B 311 -6.40 -8.18 -9.21
CA GLY B 311 -6.21 -9.11 -8.10
C GLY B 311 -5.26 -8.49 -7.11
N ASP B 312 -4.52 -9.30 -6.35
CA ASP B 312 -3.57 -8.78 -5.34
C ASP B 312 -2.30 -8.15 -5.90
N ARG B 313 -1.94 -8.51 -7.13
CA ARG B 313 -0.78 -7.97 -7.81
CA ARG B 313 -0.78 -7.97 -7.80
C ARG B 313 -1.16 -7.69 -9.26
N VAL B 314 -0.29 -6.97 -9.98
CA VAL B 314 -0.52 -6.71 -11.41
C VAL B 314 -0.87 -8.01 -12.14
N ILE B 315 -0.04 -9.04 -11.95
CA ILE B 315 -0.34 -10.37 -12.46
C ILE B 315 -0.60 -11.25 -11.25
N SER B 316 -1.85 -11.70 -11.11
CA SER B 316 -2.23 -12.58 -10.02
C SER B 316 -3.48 -13.36 -10.35
N ASP B 317 -3.68 -14.42 -9.59
CA ASP B 317 -4.84 -15.28 -9.75
C ASP B 317 -5.81 -14.83 -8.66
N ILE B 318 -7.11 -14.99 -8.90
CA ILE B 318 -8.14 -14.36 -8.05
C ILE B 318 -8.55 -15.31 -6.89
N THR B 319 -8.41 -14.82 -5.66
CA THR B 319 -8.70 -15.61 -4.47
C THR B 319 -9.92 -15.02 -3.74
N ARG B 320 -10.48 -15.78 -2.80
CA ARG B 320 -11.64 -15.32 -2.03
C ARG B 320 -11.23 -14.16 -1.13
N ASP B 321 -10.09 -14.29 -0.46
CA ASP B 321 -9.59 -13.19 0.37
C ASP B 321 -9.22 -11.95 -0.46
N GLY B 322 -8.61 -12.13 -1.63
CA GLY B 322 -8.30 -10.97 -2.48
C GLY B 322 -9.53 -10.23 -2.99
N ILE B 323 -10.56 -10.97 -3.41
CA ILE B 323 -11.74 -10.33 -3.94
C ILE B 323 -12.63 -9.70 -2.85
N SER B 324 -12.56 -10.22 -1.62
CA SER B 324 -13.22 -9.59 -0.48
C SER B 324 -12.56 -8.26 -0.19
N TRP B 325 -11.24 -8.23 -0.24
CA TRP B 325 -10.49 -7.02 0.05
C TRP B 325 -10.94 -5.87 -0.87
N ILE B 326 -10.98 -6.12 -2.18
CA ILE B 326 -11.42 -5.08 -3.11
C ILE B 326 -12.90 -4.74 -2.95
N ASN B 327 -13.78 -5.75 -2.91
CA ASN B 327 -15.24 -5.52 -2.92
C ASN B 327 -15.72 -4.65 -1.77
N GLU B 328 -15.05 -4.79 -0.62
CA GLU B 328 -15.32 -3.98 0.56
C GLU B 328 -15.09 -2.51 0.30
N ARG B 329 -14.09 -2.21 -0.50
CA ARG B 329 -13.68 -0.84 -0.77
C ARG B 329 -14.49 -0.18 -1.89
N ILE B 330 -14.74 -0.94 -2.96
CA ILE B 330 -15.49 -0.42 -4.09
C ILE B 330 -17.01 -0.55 -3.95
N LYS B 331 -17.45 -1.28 -2.93
CA LYS B 331 -18.88 -1.39 -2.56
C LYS B 331 -19.73 -2.04 -3.64
N ARG B 332 -19.12 -2.92 -4.44
CA ARG B 332 -19.80 -3.65 -5.49
C ARG B 332 -18.90 -4.82 -5.86
N PRO B 333 -19.43 -5.86 -6.54
CA PRO B 333 -18.55 -6.96 -6.95
C PRO B 333 -17.60 -6.52 -8.07
N ALA B 334 -16.33 -6.77 -7.87
CA ALA B 334 -15.30 -6.33 -8.81
C ALA B 334 -15.50 -6.99 -10.19
N TYR B 335 -15.09 -6.28 -11.23
CA TYR B 335 -15.14 -6.79 -12.60
C TYR B 335 -13.69 -7.24 -12.89
N ILE B 336 -13.43 -8.53 -12.92
CA ILE B 336 -12.02 -8.98 -12.96
C ILE B 336 -11.33 -8.78 -14.31
N TRP B 337 -10.18 -8.10 -14.29
CA TRP B 337 -9.25 -8.05 -15.40
C TRP B 337 -8.11 -9.01 -15.05
N TRP B 338 -8.11 -10.20 -15.65
CA TRP B 338 -7.08 -11.21 -15.34
C TRP B 338 -5.94 -11.19 -16.34
N ASN B 339 -4.75 -10.85 -15.86
CA ASN B 339 -3.58 -10.70 -16.72
C ASN B 339 -2.88 -12.01 -17.11
N PHE B 340 -3.60 -12.85 -17.83
CA PHE B 340 -3.06 -14.07 -18.40
C PHE B 340 -4.01 -14.44 -19.55
N PRO B 341 -3.48 -14.88 -20.72
CA PRO B 341 -2.07 -15.18 -21.09
C PRO B 341 -1.22 -14.02 -21.58
N VAL B 342 -1.65 -12.78 -21.32
CA VAL B 342 -0.85 -11.61 -21.70
C VAL B 342 0.65 -11.78 -21.45
N SER B 343 1.43 -11.60 -22.53
CA SER B 343 2.89 -11.81 -22.49
C SER B 343 3.67 -10.53 -22.78
N ASP B 344 3.05 -9.37 -22.61
CA ASP B 344 3.63 -8.09 -23.13
C ASP B 344 4.84 -7.63 -22.31
N TYR B 345 5.06 -8.34 -21.22
CA TYR B 345 6.23 -8.14 -20.35
C TYR B 345 7.21 -9.34 -20.45
N VAL B 346 6.84 -10.37 -21.19
CA VAL B 346 7.76 -11.52 -21.44
C VAL B 346 7.62 -11.89 -22.91
N ARG B 347 7.90 -10.92 -23.78
CA ARG B 347 7.48 -10.98 -25.17
C ARG B 347 8.18 -12.06 -26.00
N ASP B 348 9.30 -12.57 -25.48
CA ASP B 348 10.04 -13.67 -26.11
C ASP B 348 9.50 -15.05 -25.78
N HIS B 349 8.47 -15.13 -24.94
CA HIS B 349 7.78 -16.39 -24.56
C HIS B 349 6.37 -16.43 -25.09
N LEU B 350 5.93 -17.61 -25.52
CA LEU B 350 4.50 -17.94 -25.68
C LEU B 350 3.97 -18.57 -24.40
N LEU B 351 2.75 -18.21 -23.98
CA LEU B 351 2.18 -18.80 -22.74
C LEU B 351 0.95 -19.59 -23.10
N LEU B 352 1.17 -20.88 -23.41
CA LEU B 352 0.18 -21.76 -24.00
C LEU B 352 -0.35 -22.82 -23.04
N GLY B 353 0.00 -22.70 -21.74
CA GLY B 353 -0.42 -23.70 -20.76
C GLY B 353 -1.83 -23.44 -20.27
N PRO B 354 -2.30 -24.32 -19.36
CA PRO B 354 -3.63 -24.29 -18.80
C PRO B 354 -3.95 -23.03 -18.03
N VAL B 355 -5.22 -22.71 -17.95
CA VAL B 355 -5.74 -21.63 -17.11
C VAL B 355 -6.03 -22.18 -15.70
N TYR B 356 -5.28 -21.70 -14.71
CA TYR B 356 -5.51 -22.19 -13.31
C TYR B 356 -5.20 -21.15 -12.27
N GLY B 357 -5.57 -21.43 -11.02
CA GLY B 357 -5.18 -20.55 -9.90
C GLY B 357 -6.33 -19.70 -9.37
N ASN B 358 -7.42 -19.62 -10.13
CA ASN B 358 -8.52 -18.78 -9.75
C ASN B 358 -9.55 -19.58 -8.93
N ASP B 359 -9.91 -19.04 -7.77
CA ASP B 359 -10.87 -19.68 -6.88
C ASP B 359 -12.14 -19.98 -7.67
N THR B 360 -12.64 -21.20 -7.54
CA THR B 360 -13.80 -21.65 -8.31
C THR B 360 -15.12 -21.46 -7.56
N THR B 361 -15.09 -20.84 -6.37
CA THR B 361 -16.32 -20.77 -5.55
C THR B 361 -16.82 -19.33 -5.35
N ILE B 362 -16.21 -18.39 -6.09
CA ILE B 362 -16.42 -16.98 -5.85
C ILE B 362 -17.23 -16.24 -6.95
N ALA B 363 -17.98 -16.98 -7.76
CA ALA B 363 -18.79 -16.37 -8.84
C ALA B 363 -19.71 -15.23 -8.40
N LYS B 364 -20.23 -15.30 -7.16
CA LYS B 364 -21.18 -14.30 -6.68
C LYS B 364 -20.47 -13.01 -6.30
N GLU B 365 -19.15 -13.09 -6.11
CA GLU B 365 -18.30 -11.98 -5.69
C GLU B 365 -17.71 -11.15 -6.85
N MET B 366 -17.97 -11.58 -8.09
CA MET B 366 -17.48 -10.85 -9.28
C MET B 366 -18.58 -10.47 -10.26
N SER B 367 -18.55 -9.24 -10.76
CA SER B 367 -19.52 -8.79 -11.78
C SER B 367 -19.18 -9.34 -13.17
N GLY B 368 -17.89 -9.57 -13.39
CA GLY B 368 -17.35 -9.91 -14.71
C GLY B 368 -16.00 -10.56 -14.53
N PHE B 369 -15.58 -11.31 -15.55
CA PHE B 369 -14.22 -11.86 -15.57
C PHE B 369 -13.79 -11.79 -17.01
N VAL B 370 -12.77 -10.97 -17.28
CA VAL B 370 -12.15 -10.90 -18.62
C VAL B 370 -10.65 -11.25 -18.61
N THR B 371 -10.20 -11.98 -19.64
CA THR B 371 -8.78 -12.24 -19.83
C THR B 371 -8.12 -11.19 -20.77
N ASN B 372 -6.96 -10.68 -20.36
CA ASN B 372 -6.09 -9.87 -21.18
C ASN B 372 -5.15 -10.87 -21.88
N PRO B 373 -5.25 -10.99 -23.20
CA PRO B 373 -4.51 -12.05 -23.92
C PRO B 373 -3.15 -11.60 -24.45
N MET B 374 -2.49 -12.50 -25.19
CA MET B 374 -1.25 -12.19 -25.89
C MET B 374 -1.56 -11.41 -27.16
N GLU B 375 -0.57 -10.67 -27.63
CA GLU B 375 -0.64 -10.01 -28.90
C GLU B 375 -0.82 -11.06 -30.03
N HIS B 376 -0.56 -12.34 -29.71
CA HIS B 376 -0.76 -13.45 -30.65
C HIS B 376 -2.20 -13.94 -30.49
N ALA B 377 -3.10 -13.54 -31.40
CA ALA B 377 -4.53 -13.73 -31.15
C ALA B 377 -4.98 -15.20 -31.14
N GLU B 378 -4.59 -15.97 -32.16
CA GLU B 378 -5.00 -17.37 -32.22
C GLU B 378 -4.39 -18.19 -31.09
N SER B 379 -3.12 -17.94 -30.79
CA SER B 379 -2.40 -18.66 -29.73
C SER B 379 -3.10 -18.49 -28.36
N SER B 380 -3.71 -17.33 -28.16
CA SER B 380 -4.47 -16.96 -26.96
C SER B 380 -5.78 -17.73 -26.81
N LYS B 381 -6.30 -18.29 -27.90
CA LYS B 381 -7.54 -19.10 -27.83
C LYS B 381 -7.52 -20.30 -26.86
N ILE B 382 -6.37 -20.91 -26.63
CA ILE B 382 -6.22 -21.93 -25.55
C ILE B 382 -6.74 -21.41 -24.20
N ALA B 383 -6.14 -20.32 -23.72
CA ALA B 383 -6.56 -19.69 -22.49
C ALA B 383 -7.98 -19.10 -22.55
N ILE B 384 -8.34 -18.49 -23.70
CA ILE B 384 -9.63 -17.84 -23.84
C ILE B 384 -10.77 -18.85 -23.75
N TYR B 385 -10.60 -19.98 -24.42
CA TYR B 385 -11.58 -21.07 -24.36
C TYR B 385 -11.67 -21.54 -22.91
N SER B 386 -10.55 -21.57 -22.21
CA SER B 386 -10.51 -22.07 -20.84
C SER B 386 -11.17 -21.08 -19.87
N VAL B 387 -10.87 -19.78 -20.02
CA VAL B 387 -11.55 -18.72 -19.24
C VAL B 387 -13.07 -18.67 -19.55
N ALA B 388 -13.48 -18.82 -20.81
CA ALA B 388 -14.93 -18.99 -21.14
C ALA B 388 -15.58 -20.08 -20.28
N SER B 389 -14.89 -21.23 -20.17
CA SER B 389 -15.39 -22.39 -19.46
C SER B 389 -15.48 -22.09 -17.97
N TYR B 390 -14.41 -21.51 -17.42
CA TYR B 390 -14.31 -21.19 -16.01
C TYR B 390 -15.39 -20.18 -15.57
N ALA B 391 -15.60 -19.15 -16.38
CA ALA B 391 -16.49 -18.05 -16.05
C ALA B 391 -17.97 -18.42 -16.13
N TRP B 392 -18.30 -19.37 -17.01
CA TRP B 392 -19.66 -19.81 -17.20
C TRP B 392 -20.02 -20.76 -16.04
N ASN B 393 -19.17 -21.73 -15.77
CA ASN B 393 -19.44 -22.74 -14.76
C ASN B 393 -18.19 -23.00 -13.90
N PRO B 394 -17.85 -22.05 -13.02
CA PRO B 394 -16.63 -22.24 -12.27
C PRO B 394 -16.65 -23.47 -11.35
N ALA B 395 -17.83 -23.84 -10.82
CA ALA B 395 -17.91 -24.95 -9.83
C ALA B 395 -17.44 -26.26 -10.44
N LYS B 396 -17.69 -26.42 -11.73
CA LYS B 396 -17.30 -27.60 -12.49
C LYS B 396 -16.04 -27.37 -13.32
N TYR B 397 -15.34 -26.25 -13.09
CA TYR B 397 -14.18 -25.97 -13.91
C TYR B 397 -13.03 -26.97 -13.70
N ASP B 398 -12.60 -27.58 -14.80
CA ASP B 398 -11.55 -28.62 -14.79
C ASP B 398 -10.41 -28.09 -15.63
N THR B 399 -9.33 -27.64 -14.97
CA THR B 399 -8.21 -26.99 -15.66
C THR B 399 -7.58 -27.80 -16.78
N TRP B 400 -7.16 -29.03 -16.46
CA TRP B 400 -6.46 -29.85 -17.44
C TRP B 400 -7.36 -30.33 -18.55
N GLN B 401 -8.58 -30.78 -18.22
CA GLN B 401 -9.43 -31.29 -19.33
C GLN B 401 -9.84 -30.18 -20.32
N THR B 402 -10.06 -28.99 -19.79
CA THR B 402 -10.46 -27.84 -20.57
C THR B 402 -9.36 -27.35 -21.51
N TRP B 403 -8.12 -27.38 -21.02
CA TRP B 403 -6.92 -27.15 -21.83
C TRP B 403 -6.82 -28.11 -23.01
N LYS B 404 -6.99 -29.41 -22.77
CA LYS B 404 -6.98 -30.40 -23.85
C LYS B 404 -8.17 -30.19 -24.79
N ASP B 405 -9.35 -29.89 -24.23
CA ASP B 405 -10.54 -29.61 -25.07
C ASP B 405 -10.31 -28.40 -26.00
N ALA B 406 -9.72 -27.34 -25.44
CA ALA B 406 -9.35 -26.13 -26.17
C ALA B 406 -8.51 -26.50 -27.37
N ILE B 407 -7.48 -27.29 -27.11
CA ILE B 407 -6.48 -27.66 -28.13
C ILE B 407 -7.09 -28.49 -29.25
N ARG B 408 -7.95 -29.43 -28.90
CA ARG B 408 -8.58 -30.30 -29.86
C ARG B 408 -9.62 -29.52 -30.66
N THR B 409 -10.23 -28.50 -30.05
CA THR B 409 -11.16 -27.59 -30.74
C THR B 409 -10.43 -26.66 -31.72
N ILE B 410 -9.28 -26.17 -31.30
CA ILE B 410 -8.52 -25.24 -32.09
C ILE B 410 -7.79 -25.93 -33.24
N LEU B 411 -7.23 -27.11 -33.01
CA LEU B 411 -6.47 -27.75 -34.08
C LEU B 411 -6.76 -29.24 -34.10
N PRO B 412 -8.02 -29.60 -34.42
CA PRO B 412 -8.37 -31.01 -34.37
C PRO B 412 -7.42 -31.90 -35.20
N SER B 413 -6.87 -31.38 -36.30
CA SER B 413 -6.02 -32.18 -37.20
C SER B 413 -4.65 -32.45 -36.61
N ALA B 414 -4.19 -31.63 -35.66
CA ALA B 414 -2.90 -31.86 -35.02
C ALA B 414 -2.93 -31.58 -33.53
N ALA B 415 -3.92 -32.16 -32.86
CA ALA B 415 -4.20 -31.86 -31.46
C ALA B 415 -3.05 -32.28 -30.52
N GLU B 416 -2.54 -33.49 -30.70
CA GLU B 416 -1.43 -33.97 -29.85
C GLU B 416 -0.12 -33.28 -30.11
N GLU B 417 0.11 -32.87 -31.36
CA GLU B 417 1.30 -32.08 -31.67
C GLU B 417 1.20 -30.69 -31.02
N LEU B 418 0.01 -30.07 -31.04
CA LEU B 418 -0.16 -28.74 -30.40
C LEU B 418 -0.05 -28.87 -28.87
N GLU B 419 -0.61 -29.96 -28.32
CA GLU B 419 -0.44 -30.29 -26.91
C GLU B 419 1.01 -30.41 -26.53
N CYS B 420 1.79 -31.17 -27.32
CA CYS B 420 3.22 -31.30 -27.10
C CYS B 420 3.94 -29.95 -27.07
N PHE B 421 3.73 -29.12 -28.08
CA PHE B 421 4.34 -27.80 -28.15
C PHE B 421 3.89 -26.92 -26.95
N ALA B 422 2.59 -26.89 -26.67
CA ALA B 422 2.04 -26.04 -25.58
C ALA B 422 2.52 -26.45 -24.18
N MET B 423 2.64 -27.74 -23.90
CA MET B 423 3.12 -28.18 -22.56
CA MET B 423 3.09 -28.12 -22.56
C MET B 423 4.56 -27.75 -22.24
N HIS B 424 5.34 -27.47 -23.26
CA HIS B 424 6.71 -26.98 -23.04
C HIS B 424 6.87 -25.51 -23.37
N ASN B 425 5.76 -24.80 -23.52
CA ASN B 425 5.75 -23.35 -23.77
C ASN B 425 4.65 -22.72 -22.94
N SER B 426 4.88 -22.65 -21.63
CA SER B 426 3.85 -22.38 -20.64
C SER B 426 4.39 -21.41 -19.60
N ASP B 427 5.65 -21.58 -19.23
CA ASP B 427 6.28 -20.70 -18.21
C ASP B 427 6.78 -19.37 -18.81
N LEU B 428 6.86 -18.34 -17.98
CA LEU B 428 7.22 -17.01 -18.42
C LEU B 428 8.71 -16.75 -18.28
N GLY B 429 9.41 -17.62 -17.55
CA GLY B 429 10.77 -17.29 -17.04
C GLY B 429 10.71 -16.18 -15.99
N PRO B 430 11.87 -15.89 -15.35
CA PRO B 430 11.97 -14.80 -14.36
C PRO B 430 11.52 -13.49 -14.98
N ASN B 431 10.80 -12.70 -14.20
CA ASN B 431 10.21 -11.45 -14.68
C ASN B 431 9.92 -10.52 -13.52
N GLY B 432 9.72 -9.24 -13.86
CA GLY B 432 9.49 -8.20 -12.85
C GLY B 432 8.20 -8.34 -12.06
N HIS B 433 7.26 -9.13 -12.57
CA HIS B 433 6.02 -9.37 -11.83
C HIS B 433 6.06 -10.58 -10.91
N GLY B 434 7.12 -11.37 -11.00
CA GLY B 434 7.29 -12.57 -10.20
C GLY B 434 6.26 -13.66 -10.46
N TYR B 435 5.60 -13.61 -11.63
CA TYR B 435 4.55 -14.57 -11.93
C TYR B 435 5.07 -15.69 -12.80
N ARG B 436 4.76 -16.93 -12.43
CA ARG B 436 5.24 -18.12 -13.16
C ARG B 436 4.12 -19.12 -13.39
N ARG B 437 4.32 -20.03 -14.32
CA ARG B 437 3.41 -21.15 -14.55
C ARG B 437 4.19 -22.45 -14.63
N GLU B 438 3.52 -23.57 -14.34
CA GLU B 438 4.15 -24.87 -14.48
C GLU B 438 4.48 -25.15 -15.95
N GLU B 439 5.50 -25.94 -16.19
CA GLU B 439 5.88 -26.31 -17.54
C GLU B 439 6.67 -27.60 -17.49
N SER B 440 6.42 -28.52 -18.44
CA SER B 440 7.22 -29.75 -18.60
C SER B 440 7.22 -30.62 -17.34
N MET B 441 6.13 -30.54 -16.57
CA MET B 441 6.02 -31.21 -15.26
CA MET B 441 6.04 -31.21 -15.27
C MET B 441 6.13 -32.73 -15.35
N ASP B 442 5.58 -33.31 -16.42
CA ASP B 442 5.58 -34.76 -16.61
C ASP B 442 6.99 -35.32 -16.65
N ILE B 443 7.84 -34.76 -17.51
CA ILE B 443 9.21 -35.23 -17.66
C ILE B 443 10.17 -34.73 -16.57
N GLN B 444 9.69 -33.85 -15.71
CA GLN B 444 10.54 -33.19 -14.70
C GLN B 444 11.25 -34.11 -13.70
N PRO B 445 10.58 -35.18 -13.19
CA PRO B 445 11.32 -36.07 -12.29
C PRO B 445 12.46 -36.85 -13.00
N ALA B 446 12.19 -37.38 -14.19
CA ALA B 446 13.22 -38.03 -15.00
C ALA B 446 14.40 -37.08 -15.29
N ALA B 447 14.10 -35.82 -15.59
CA ALA B 447 15.14 -34.80 -15.83
C ALA B 447 15.99 -34.56 -14.58
N GLU B 448 15.32 -34.31 -13.46
CA GLU B 448 15.99 -34.03 -12.19
C GLU B 448 16.85 -35.23 -11.73
N ARG B 449 16.34 -36.45 -11.92
CA ARG B 449 17.07 -37.68 -11.60
C ARG B 449 18.28 -37.91 -12.49
N PHE B 450 18.08 -37.80 -13.80
CA PHE B 450 19.14 -38.00 -14.78
C PHE B 450 20.31 -37.06 -14.47
N LEU B 451 19.96 -35.79 -14.29
CA LEU B 451 20.87 -34.70 -13.99
C LEU B 451 21.56 -34.84 -12.61
N LYS B 452 20.80 -35.28 -11.61
CA LYS B 452 21.31 -35.45 -10.26
C LYS B 452 22.30 -36.60 -10.17
N ALA B 453 22.09 -37.63 -10.99
CA ALA B 453 23.07 -38.70 -11.13
C ALA B 453 24.42 -38.16 -11.64
N PHE B 454 24.40 -37.16 -12.52
CA PHE B 454 25.65 -36.55 -13.02
C PHE B 454 26.38 -35.69 -11.98
N LYS B 455 25.64 -34.84 -11.27
CA LYS B 455 26.21 -33.97 -10.22
C LYS B 455 26.65 -34.75 -8.96
N GLU B 456 26.30 -36.03 -8.91
CA GLU B 456 26.69 -36.92 -7.80
C GLU B 456 27.68 -38.03 -8.18
N GLY B 457 27.69 -38.44 -9.45
CA GLY B 457 28.63 -39.47 -9.93
C GLY B 457 28.04 -40.64 -10.73
N LYS B 458 26.79 -40.48 -11.16
CA LYS B 458 26.03 -41.49 -11.95
C LYS B 458 25.81 -42.75 -11.12
N ASN B 459 25.41 -43.88 -11.73
CA ASN B 459 24.86 -43.98 -13.07
C ASN B 459 23.42 -43.44 -13.12
N TYR B 460 22.94 -43.14 -14.34
CA TYR B 460 21.54 -42.77 -14.54
C TYR B 460 20.70 -44.00 -14.92
N ASP B 461 19.39 -43.94 -14.65
CA ASP B 461 18.49 -45.00 -15.08
C ASP B 461 18.28 -44.91 -16.60
N LYS B 462 18.40 -46.06 -17.23
CA LYS B 462 18.13 -46.24 -18.64
C LYS B 462 16.73 -45.74 -19.03
N ALA B 463 15.78 -45.80 -18.09
CA ALA B 463 14.39 -45.41 -18.36
C ALA B 463 14.27 -43.87 -18.49
N ASP B 464 15.04 -43.16 -17.67
CA ASP B 464 15.14 -41.70 -17.69
C ASP B 464 15.82 -41.14 -18.94
N PHE B 465 17.00 -41.69 -19.28
CA PHE B 465 17.68 -41.40 -20.56
C PHE B 465 16.72 -41.56 -21.74
N GLU B 466 15.97 -42.68 -21.76
CA GLU B 466 14.99 -42.97 -22.82
C GLU B 466 13.74 -42.07 -22.84
N THR B 467 13.27 -41.66 -21.66
CA THR B 467 12.19 -40.67 -21.51
C THR B 467 12.60 -39.36 -22.19
N LEU B 468 13.83 -38.91 -21.92
CA LEU B 468 14.37 -37.69 -22.49
C LEU B 468 14.47 -37.80 -24.01
N GLN B 469 15.00 -38.94 -24.47
CA GLN B 469 15.07 -39.28 -25.89
C GLN B 469 13.71 -39.29 -26.60
N TYR B 470 12.72 -39.95 -26.01
CA TYR B 470 11.35 -39.97 -26.50
C TYR B 470 10.71 -38.57 -26.63
N THR B 471 10.97 -37.73 -25.62
CA THR B 471 10.51 -36.34 -25.60
C THR B 471 11.09 -35.53 -26.78
N PHE B 472 12.38 -35.70 -27.03
CA PHE B 472 13.01 -34.90 -28.08
C PHE B 472 12.48 -35.33 -29.44
N GLU B 473 12.26 -36.63 -29.60
CA GLU B 473 11.66 -37.19 -30.81
C GLU B 473 10.25 -36.64 -31.08
N ARG B 474 9.44 -36.63 -30.04
CA ARG B 474 8.07 -36.17 -30.12
C ARG B 474 8.00 -34.66 -30.39
N MET B 475 8.93 -33.92 -29.79
CA MET B 475 9.09 -32.49 -30.04
C MET B 475 9.37 -32.21 -31.52
N LYS B 476 10.30 -32.96 -32.11
CA LYS B 476 10.62 -32.79 -33.53
C LYS B 476 9.40 -33.10 -34.41
N GLU B 477 8.69 -34.17 -34.09
CA GLU B 477 7.49 -34.57 -34.83
C GLU B 477 6.46 -33.46 -34.80
N SER B 478 6.18 -32.96 -33.60
CA SER B 478 5.22 -31.86 -33.40
C SER B 478 5.63 -30.56 -34.11
N ALA B 479 6.88 -30.14 -33.94
CA ALA B 479 7.39 -28.98 -34.69
C ALA B 479 7.16 -29.07 -36.20
N ASP B 480 7.56 -30.18 -36.81
CA ASP B 480 7.43 -30.30 -38.28
C ASP B 480 6.00 -30.43 -38.76
N ILE B 481 5.19 -31.19 -38.04
CA ILE B 481 3.76 -31.29 -38.32
C ILE B 481 3.04 -29.93 -38.13
N LEU B 482 3.41 -29.19 -37.09
CA LEU B 482 2.77 -27.88 -36.89
C LEU B 482 3.12 -26.87 -38.02
N LEU B 483 4.40 -26.83 -38.41
CA LEU B 483 4.84 -25.91 -39.47
C LEU B 483 4.03 -26.07 -40.74
N MET B 484 3.67 -27.32 -41.07
CA MET B 484 2.99 -27.64 -42.32
C MET B 484 1.48 -27.66 -42.23
N ASN B 485 0.96 -27.41 -41.03
CA ASN B 485 -0.46 -27.49 -40.79
C ASN B 485 -1.23 -26.36 -41.50
N THR B 486 -2.27 -26.71 -42.24
CA THR B 486 -3.01 -25.75 -43.08
C THR B 486 -4.41 -25.48 -42.57
N GLU B 487 -4.79 -26.14 -41.47
CA GLU B 487 -6.14 -25.99 -40.92
C GLU B 487 -6.35 -24.64 -40.17
N ASN B 488 -5.32 -24.14 -39.50
CA ASN B 488 -5.36 -22.81 -38.93
C ASN B 488 -4.07 -22.14 -39.31
N LYS B 489 -4.02 -21.55 -40.51
CA LYS B 489 -2.78 -20.92 -40.97
C LYS B 489 -2.39 -19.74 -40.06
N PRO B 490 -3.35 -18.86 -39.71
CA PRO B 490 -2.95 -17.75 -38.83
C PRO B 490 -2.25 -18.15 -37.54
N LEU B 491 -2.68 -19.24 -36.92
CA LEU B 491 -2.08 -19.73 -35.68
C LEU B 491 -0.65 -20.18 -35.95
N ILE B 492 -0.46 -20.91 -37.05
CA ILE B 492 0.86 -21.40 -37.42
C ILE B 492 1.81 -20.24 -37.67
N VAL B 493 1.37 -19.23 -38.40
CA VAL B 493 2.15 -18.01 -38.63
C VAL B 493 2.61 -17.35 -37.31
N GLU B 494 1.69 -17.25 -36.35
CA GLU B 494 2.01 -16.69 -35.04
C GLU B 494 3.15 -17.44 -34.34
N ILE B 495 3.04 -18.77 -34.31
CA ILE B 495 3.92 -19.57 -33.45
C ILE B 495 5.19 -20.02 -34.16
N THR B 496 5.23 -19.84 -35.48
CA THR B 496 6.30 -20.42 -36.35
C THR B 496 7.73 -20.17 -35.86
N PRO B 497 8.05 -18.91 -35.43
CA PRO B 497 9.41 -18.68 -34.95
C PRO B 497 9.76 -19.55 -33.77
N TRP B 498 8.82 -19.66 -32.82
CA TRP B 498 8.94 -20.52 -31.64
C TRP B 498 8.96 -21.98 -32.02
N VAL B 499 8.14 -22.37 -32.98
CA VAL B 499 8.22 -23.74 -33.49
C VAL B 499 9.62 -24.12 -34.03
N HIS B 500 10.24 -23.23 -34.82
CA HIS B 500 11.62 -23.44 -35.28
C HIS B 500 12.59 -23.60 -34.10
N GLN B 501 12.47 -22.74 -33.10
CA GLN B 501 13.36 -22.77 -31.93
C GLN B 501 13.18 -24.06 -31.12
N PHE B 502 11.94 -24.52 -31.08
CA PHE B 502 11.51 -25.71 -30.34
C PHE B 502 12.11 -26.96 -30.98
N LYS B 503 12.07 -27.03 -32.32
CA LYS B 503 12.74 -28.11 -33.07
C LYS B 503 14.26 -28.11 -32.84
N LEU B 504 14.89 -26.93 -32.90
CA LEU B 504 16.32 -26.81 -32.63
C LEU B 504 16.71 -27.34 -31.26
N THR B 505 15.93 -26.96 -30.24
CA THR B 505 16.08 -27.43 -28.86
C THR B 505 16.08 -28.97 -28.80
N ALA B 506 15.09 -29.57 -29.44
CA ALA B 506 14.94 -31.01 -29.52
C ALA B 506 16.15 -31.69 -30.18
N GLU B 507 16.56 -31.19 -31.35
CA GLU B 507 17.74 -31.71 -32.04
C GLU B 507 18.99 -31.53 -31.17
N MET B 508 19.14 -30.37 -30.51
CA MET B 508 20.26 -30.18 -29.57
C MET B 508 20.22 -31.21 -28.45
N GLY B 509 19.05 -31.41 -27.85
CA GLY B 509 18.88 -32.45 -26.81
C GLY B 509 19.36 -33.82 -27.28
N GLU B 510 18.90 -34.22 -28.46
CA GLU B 510 19.32 -35.49 -29.03
C GLU B 510 20.84 -35.63 -29.19
N GLU B 511 21.48 -34.58 -29.69
CA GLU B 511 22.93 -34.58 -29.89
C GLU B 511 23.69 -34.58 -28.57
N VAL B 512 23.14 -33.89 -27.57
CA VAL B 512 23.75 -33.88 -26.23
C VAL B 512 23.65 -35.27 -25.59
N LEU B 513 22.54 -35.98 -25.81
CA LEU B 513 22.41 -37.34 -25.28
C LEU B 513 23.36 -38.34 -25.98
N LYS B 514 23.61 -38.13 -27.27
CA LYS B 514 24.61 -38.91 -28.00
C LYS B 514 26.00 -38.66 -27.48
N MET B 515 26.23 -37.47 -26.93
CA MET B 515 27.52 -37.15 -26.30
C MET B 515 27.70 -37.84 -24.94
N VAL B 516 26.59 -37.95 -24.20
CA VAL B 516 26.55 -38.66 -22.91
C VAL B 516 26.91 -40.12 -23.14
N GLU B 517 26.27 -40.72 -24.15
CA GLU B 517 26.52 -42.10 -24.53
C GLU B 517 27.93 -42.26 -25.10
N GLY B 518 28.29 -41.38 -26.04
CA GLY B 518 29.68 -41.05 -26.38
C GLY B 518 30.63 -42.22 -26.48
N ARG B 519 30.52 -42.95 -27.59
CA ARG B 519 31.19 -44.21 -27.81
C ARG B 519 32.72 -44.13 -27.97
N ASN B 520 33.23 -43.02 -28.51
CA ASN B 520 34.66 -42.82 -28.74
C ASN B 520 35.01 -41.35 -28.93
N GLU B 521 36.28 -41.05 -29.21
CA GLU B 521 36.72 -39.67 -29.26
C GLU B 521 36.19 -38.87 -30.46
N SER B 522 36.25 -39.46 -31.65
CA SER B 522 35.87 -38.71 -32.83
C SER B 522 34.34 -38.60 -33.00
N TYR B 523 33.61 -39.59 -32.47
CA TYR B 523 32.14 -39.52 -32.44
C TYR B 523 31.69 -38.36 -31.56
N PHE B 524 32.28 -38.29 -30.37
CA PHE B 524 31.96 -37.22 -29.44
C PHE B 524 32.18 -35.83 -30.06
N LEU B 525 33.29 -35.65 -30.75
CA LEU B 525 33.61 -34.39 -31.39
C LEU B 525 32.66 -34.07 -32.55
N ARG B 526 32.16 -35.10 -33.24
CA ARG B 526 31.15 -34.91 -34.27
C ARG B 526 29.88 -34.35 -33.65
N LYS B 527 29.48 -34.94 -32.53
CA LYS B 527 28.27 -34.52 -31.80
C LYS B 527 28.45 -33.14 -31.23
N TYR B 528 29.60 -32.94 -30.58
CA TYR B 528 30.01 -31.66 -30.06
C TYR B 528 29.95 -30.57 -31.12
N ASN B 529 30.51 -30.84 -32.31
CA ASN B 529 30.49 -29.83 -33.39
C ASN B 529 29.10 -29.54 -33.90
N HIS B 530 28.31 -30.59 -34.12
CA HIS B 530 26.90 -30.44 -34.45
C HIS B 530 26.17 -29.55 -33.43
N VAL B 531 26.43 -29.76 -32.13
CA VAL B 531 25.73 -29.00 -31.08
C VAL B 531 26.12 -27.54 -31.13
N LYS B 532 27.40 -27.26 -31.32
CA LYS B 532 27.85 -25.88 -31.51
C LYS B 532 27.09 -25.17 -32.64
N ALA B 533 26.96 -25.84 -33.78
CA ALA B 533 26.17 -25.34 -34.94
C ALA B 533 24.69 -25.05 -34.62
N LEU B 534 24.06 -25.95 -33.86
CA LEU B 534 22.68 -25.78 -33.42
C LEU B 534 22.51 -24.62 -32.45
N GLN B 535 23.50 -24.40 -31.60
CA GLN B 535 23.54 -23.21 -30.74
C GLN B 535 23.57 -21.92 -31.56
N GLN B 536 24.36 -21.91 -32.63
CA GLN B 536 24.46 -20.74 -33.48
C GLN B 536 23.16 -20.52 -34.21
N GLN B 537 22.55 -21.61 -34.68
CA GLN B 537 21.24 -21.51 -35.33
C GLN B 537 20.17 -20.94 -34.40
N MET B 538 20.19 -21.36 -33.13
CA MET B 538 19.24 -20.83 -32.14
C MET B 538 19.47 -19.34 -31.90
N PHE B 539 20.74 -18.95 -31.82
CA PHE B 539 21.13 -17.56 -31.67
C PHE B 539 20.60 -16.69 -32.81
N TYR B 540 20.74 -17.17 -34.04
CA TYR B 540 20.22 -16.46 -35.23
CA TYR B 540 20.25 -16.38 -35.14
C TYR B 540 18.73 -16.17 -35.13
N ILE B 541 17.94 -17.23 -34.84
CA ILE B 541 16.50 -17.04 -34.67
C ILE B 541 16.23 -15.99 -33.57
N ASP B 542 16.94 -16.10 -32.45
CA ASP B 542 16.79 -15.18 -31.32
C ASP B 542 17.15 -13.73 -31.64
N GLN B 543 17.86 -13.51 -32.76
CA GLN B 543 18.29 -12.17 -33.14
C GLN B 543 17.54 -11.67 -34.34
N THR B 544 16.81 -12.53 -35.01
CA THR B 544 16.18 -12.14 -36.26
C THR B 544 14.65 -12.11 -36.15
N SER B 545 14.09 -13.01 -35.35
CA SER B 545 12.67 -13.11 -35.14
C SER B 545 12.24 -12.32 -33.93
N ASN B 546 11.01 -11.80 -33.99
CA ASN B 546 10.36 -11.14 -32.86
C ASN B 546 11.26 -10.06 -32.24
N GLN B 547 11.80 -9.19 -33.08
CA GLN B 547 12.74 -8.19 -32.60
C GLN B 547 12.04 -6.92 -32.10
N ASN B 548 11.39 -7.02 -30.94
CA ASN B 548 10.74 -5.89 -30.32
C ASN B 548 11.72 -5.16 -29.40
N PRO B 549 11.39 -3.93 -28.96
CA PRO B 549 12.37 -3.22 -28.14
C PRO B 549 12.45 -3.63 -26.69
N TYR B 550 11.60 -4.56 -26.23
CA TYR B 550 11.49 -4.84 -24.79
C TYR B 550 12.08 -6.19 -24.36
N GLN B 551 11.54 -7.30 -24.90
CA GLN B 551 12.14 -8.63 -24.72
C GLN B 551 12.27 -9.27 -26.08
N PRO B 552 13.29 -8.86 -26.85
CA PRO B 552 13.36 -9.39 -28.22
C PRO B 552 13.68 -10.88 -28.25
N GLY B 553 13.29 -11.52 -29.35
CA GLY B 553 13.71 -12.87 -29.66
C GLY B 553 12.74 -13.98 -29.30
N VAL B 554 13.27 -15.19 -29.19
CA VAL B 554 12.46 -16.39 -29.16
C VAL B 554 13.01 -17.43 -28.15
N LYS B 555 12.35 -17.53 -27.00
CA LYS B 555 12.69 -18.55 -26.02
C LYS B 555 11.59 -19.63 -25.99
N THR B 556 12.02 -20.87 -25.74
CA THR B 556 11.08 -21.99 -25.76
C THR B 556 11.56 -23.07 -24.77
N ALA B 557 10.64 -23.78 -24.16
CA ALA B 557 11.03 -24.94 -23.33
C ALA B 557 12.08 -24.56 -22.26
N THR B 558 11.82 -23.43 -21.62
CA THR B 558 12.85 -22.75 -20.82
C THR B 558 12.92 -23.24 -19.38
N ARG B 559 11.83 -23.80 -18.87
CA ARG B 559 11.76 -24.18 -17.46
C ARG B 559 12.54 -25.45 -17.15
N VAL B 560 12.38 -26.51 -17.94
CA VAL B 560 13.02 -27.78 -17.63
C VAL B 560 14.00 -28.22 -18.72
N ILE B 561 13.58 -28.10 -19.98
CA ILE B 561 14.28 -28.75 -21.06
C ILE B 561 15.61 -28.07 -21.41
N LYS B 562 15.58 -26.77 -21.67
CA LYS B 562 16.80 -26.06 -22.05
C LYS B 562 17.83 -26.10 -20.91
N PRO B 563 17.41 -25.82 -19.67
CA PRO B 563 18.37 -25.97 -18.56
C PRO B 563 19.01 -27.35 -18.50
N LEU B 564 18.23 -28.41 -18.58
CA LEU B 564 18.75 -29.79 -18.63
C LEU B 564 19.76 -30.04 -19.76
N ILE B 565 19.41 -29.63 -20.98
CA ILE B 565 20.24 -29.86 -22.16
C ILE B 565 21.57 -29.14 -21.99
N ASP B 566 21.47 -27.90 -21.52
CA ASP B 566 22.59 -26.98 -21.39
C ASP B 566 23.54 -27.47 -20.29
N ARG B 567 22.97 -27.86 -19.14
CA ARG B 567 23.74 -28.45 -18.05
C ARG B 567 24.41 -29.75 -18.40
N THR B 568 23.72 -30.61 -19.16
CA THR B 568 24.24 -31.90 -19.57
C THR B 568 25.40 -31.71 -20.56
N PHE B 569 25.23 -30.78 -21.49
CA PHE B 569 26.32 -30.38 -22.40
C PHE B 569 27.55 -29.94 -21.60
N ALA B 570 27.37 -28.96 -20.72
CA ALA B 570 28.46 -28.44 -19.91
C ALA B 570 29.19 -29.57 -19.19
N THR B 571 28.41 -30.51 -18.64
CA THR B 571 28.96 -31.60 -17.83
C THR B 571 29.76 -32.60 -18.67
N VAL B 572 29.17 -33.17 -19.73
CA VAL B 572 29.90 -34.12 -20.58
C VAL B 572 31.13 -33.53 -21.26
N VAL B 573 31.10 -32.22 -21.53
CA VAL B 573 32.26 -31.52 -22.08
C VAL B 573 33.35 -31.43 -21.01
N LYS B 574 32.95 -31.17 -19.77
CA LYS B 574 33.86 -31.11 -18.64
C LYS B 574 34.56 -32.47 -18.43
N PHE B 575 33.81 -33.57 -18.54
CA PHE B 575 34.36 -34.92 -18.37
C PHE B 575 35.28 -35.35 -19.51
N PHE B 576 34.93 -34.97 -20.74
CA PHE B 576 35.72 -35.24 -21.93
C PHE B 576 37.06 -34.51 -21.87
N ASN B 577 37.01 -33.25 -21.43
CA ASN B 577 38.21 -32.44 -21.24
C ASN B 577 39.16 -32.99 -20.15
N GLN B 578 38.60 -33.62 -19.11
CA GLN B 578 39.39 -34.33 -18.08
C GLN B 578 39.97 -35.66 -18.59
N LYS B 579 39.12 -36.43 -19.27
CA LYS B 579 39.49 -37.75 -19.77
C LYS B 579 40.51 -37.69 -20.90
N PHE B 580 40.36 -36.73 -21.80
CA PHE B 580 41.20 -36.66 -23.00
C PHE B 580 42.14 -35.46 -22.94
N ASN B 581 42.35 -34.94 -21.73
CA ASN B 581 43.27 -33.82 -21.51
C ASN B 581 43.06 -32.73 -22.59
N ALA B 582 41.79 -32.40 -22.84
CA ALA B 582 41.38 -31.50 -23.94
C ALA B 582 40.89 -30.14 -23.44
N HIS B 583 40.54 -29.24 -24.37
CA HIS B 583 40.20 -27.85 -24.02
C HIS B 583 38.95 -27.32 -24.76
N LEU B 584 37.97 -28.20 -24.95
CA LEU B 584 36.70 -27.83 -25.59
C LEU B 584 35.93 -26.78 -24.78
N ASP B 585 35.31 -25.85 -25.51
CA ASP B 585 34.49 -24.78 -24.94
C ASP B 585 33.16 -25.36 -24.40
N ALA B 586 32.91 -25.15 -23.11
CA ALA B 586 31.74 -25.70 -22.46
C ALA B 586 30.53 -24.75 -22.43
N THR B 587 30.65 -23.61 -23.11
CA THR B 587 29.59 -22.59 -23.09
C THR B 587 28.40 -23.04 -23.93
N THR B 588 27.21 -22.61 -23.49
CA THR B 588 25.96 -23.20 -23.94
C THR B 588 25.11 -22.23 -24.76
N ASP B 589 25.40 -20.94 -24.68
CA ASP B 589 24.77 -19.99 -25.57
C ASP B 589 25.78 -19.38 -26.53
N TYR B 590 25.51 -19.51 -27.83
CA TYR B 590 26.41 -18.94 -28.83
C TYR B 590 26.57 -17.42 -28.66
N MET B 591 27.82 -16.96 -28.72
CA MET B 591 28.17 -15.56 -28.66
C MET B 591 29.23 -15.26 -29.71
N PRO B 592 28.89 -14.43 -30.72
CA PRO B 592 29.86 -14.12 -31.77
C PRO B 592 31.01 -13.23 -31.28
N HIS B 593 30.70 -12.35 -30.33
CA HIS B 593 31.65 -11.37 -29.82
C HIS B 593 32.36 -11.91 -28.57
C' BEU C . -1.63 16.24 14.43
O1' BEU C . -2.91 16.05 15.01
C1 BEU C . -1.74 17.17 13.25
C2 BEU C . -1.72 16.64 12.01
C3 BEU C . -1.90 17.50 10.78
N3 BEU C . -3.34 17.58 10.50
C4 BEU C . -1.25 18.89 10.92
N4 BEU C . -0.11 19.07 10.01
C4' BEU C . 0.96 18.26 10.00
O4' BEU C . 1.07 17.32 10.74
CM4 BEU C . 2.03 18.56 9.01
C5 BEU C . -0.87 19.30 12.35
O5 BEU C . -0.87 20.72 12.46
C6 BEU C . -1.82 18.68 13.39
O4 BEU C . -1.44 19.10 14.70
C' BEU D . -0.10 -7.03 -18.29
O1' BEU D . 1.25 -7.08 -18.67
C1 BEU D . -0.53 -5.60 -18.09
C2 BEU D . -0.59 -5.09 -16.86
C3 BEU D . -0.78 -3.59 -16.71
N3 BEU D . 0.56 -2.97 -16.75
C4 BEU D . -1.83 -3.03 -17.73
N4 BEU D . -3.11 -2.64 -17.15
C4' BEU D . -3.88 -3.47 -16.44
O4' BEU D . -3.55 -4.61 -16.17
CM4 BEU D . -5.17 -2.91 -15.95
C5 BEU D . -2.15 -3.97 -18.91
O5 BEU D . -2.54 -3.21 -20.08
C6 BEU D . -0.87 -4.73 -19.27
O4 BEU D . -1.09 -5.47 -20.46
#